data_3LMA
#
_entry.id   3LMA
#
_cell.length_a   64.957
_cell.length_b   83.059
_cell.length_c   103.662
_cell.angle_alpha   90.00
_cell.angle_beta   101.01
_cell.angle_gamma   90.00
#
_symmetry.space_group_name_H-M   'P 1 21 1'
#
loop_
_entity.id
_entity.type
_entity.pdbx_description
1 polymer 'Stage V sporulation protein AD (SpoVAD)'
2 water water
#
_entity_poly.entity_id   1
_entity_poly.type   'polypeptide(L)'
_entity_poly.pdbx_seq_one_letter_code
;(MSE)KLTGKQTWEFENPLFVNSSGTAVGPKEKEGPLGHLFDKSYDE(MSE)HCNQKNWE(MSE)AERKL(MSE)EDAVQ
SALSKQNLKKEDIDIFLAGDLLNQNVTANYVARHLKIPFLCLFGACSTS(MSE)ESIAISSALIDGGFAKRALAATSSHN
ATAERQFRYPTEYGGQKPGTATSTVTGSGAVVLSQQPGGIKITSATVGRVIDLGITDSQD(MSE)GSA(MSE)APAAADT
IKQHLEDLGRTPDDYDLILTGDLSGVGSPILKDLLKEEGINVGTKHNDCGL(MSE)IYTPDQQVFAGGSGCACSAVVTFA
HIFKEIEAGRLNRVLVVATGALLSPTIIQQKESIPCIAHGVVFERAERGNALEHHHHHH
;
_entity_poly.pdbx_strand_id   A,B,C,D
#
# COMPACT_ATOMS: atom_id res chain seq x y z
N LYS A 2 22.53 -5.27 3.34
CA LYS A 2 22.24 -6.26 2.32
C LYS A 2 23.42 -6.37 1.36
N LEU A 3 24.29 -5.36 1.37
CA LEU A 3 25.50 -5.43 0.60
C LEU A 3 26.40 -6.48 1.27
N THR A 4 26.83 -7.48 0.50
CA THR A 4 27.71 -8.53 1.00
C THR A 4 29.01 -8.43 0.23
N GLY A 5 30.13 -8.38 0.95
CA GLY A 5 31.39 -8.22 0.27
C GLY A 5 31.45 -6.85 -0.39
N LYS A 6 32.10 -6.76 -1.55
CA LYS A 6 32.25 -5.47 -2.19
C LYS A 6 31.19 -5.01 -3.18
N GLN A 7 30.56 -5.95 -3.87
CA GLN A 7 29.65 -5.59 -4.97
C GLN A 7 28.37 -6.41 -5.11
N THR A 8 28.09 -7.24 -4.11
CA THR A 8 26.94 -8.10 -4.20
C THR A 8 25.79 -7.78 -3.26
N TRP A 9 24.60 -7.60 -3.85
CA TRP A 9 23.39 -7.35 -3.08
C TRP A 9 22.68 -8.68 -2.80
N GLU A 10 22.48 -9.00 -1.52
CA GLU A 10 21.74 -10.21 -1.12
C GLU A 10 20.35 -9.78 -0.65
N PHE A 11 19.33 -10.16 -1.40
CA PHE A 11 17.97 -9.71 -1.07
C PHE A 11 17.43 -10.48 0.13
N GLU A 12 16.87 -9.76 1.09
CA GLU A 12 16.42 -10.42 2.32
C GLU A 12 14.96 -10.82 2.38
N ASN A 13 14.16 -10.21 1.52
CA ASN A 13 12.74 -10.48 1.48
C ASN A 13 12.40 -11.29 0.24
N PRO A 14 11.25 -11.99 0.25
CA PRO A 14 10.83 -12.80 -0.91
C PRO A 14 10.86 -11.95 -2.16
N LEU A 15 11.42 -12.48 -3.25
CA LEU A 15 11.58 -11.74 -4.50
C LEU A 15 11.47 -12.73 -5.64
N PHE A 16 10.54 -12.48 -6.55
CA PHE A 16 10.32 -13.42 -7.63
C PHE A 16 10.14 -12.80 -9.00
N VAL A 17 10.43 -13.61 -10.02
CA VAL A 17 10.09 -13.24 -11.40
C VAL A 17 8.66 -13.80 -11.54
N ASN A 18 7.70 -12.92 -11.77
CA ASN A 18 6.31 -13.38 -11.87
C ASN A 18 5.96 -13.77 -13.27
N SER A 19 6.55 -13.08 -14.23
CA SER A 19 6.33 -13.41 -15.62
C SER A 19 7.39 -12.73 -16.44
N SER A 20 7.54 -13.19 -17.66
CA SER A 20 8.50 -12.58 -18.57
C SER A 20 7.87 -12.60 -19.94
N GLY A 21 8.41 -11.77 -20.83
CA GLY A 21 7.91 -11.74 -22.19
C GLY A 21 9.07 -11.52 -23.14
N THR A 22 9.00 -12.14 -24.32
CA THR A 22 10.04 -11.95 -25.33
C THR A 22 9.44 -11.83 -26.73
N ALA A 23 10.06 -10.97 -27.55
CA ALA A 23 9.64 -10.77 -28.94
C ALA A 23 10.91 -10.70 -29.77
N VAL A 24 10.97 -11.43 -30.87
CA VAL A 24 12.18 -11.45 -31.68
C VAL A 24 11.89 -11.41 -33.19
N GLY A 25 12.97 -11.18 -33.95
CA GLY A 25 12.94 -11.15 -35.40
C GLY A 25 13.09 -12.52 -36.06
N PRO A 26 13.21 -12.53 -37.40
CA PRO A 26 13.36 -13.78 -38.16
C PRO A 26 14.60 -14.61 -37.92
N LYS A 27 15.75 -13.96 -37.76
CA LYS A 27 16.97 -14.72 -37.51
C LYS A 27 16.81 -15.51 -36.20
N GLU A 28 16.20 -14.90 -35.20
CA GLU A 28 15.97 -15.58 -33.92
C GLU A 28 14.88 -16.65 -34.07
N LYS A 29 13.83 -16.35 -34.82
CA LYS A 29 12.72 -17.27 -35.05
C LYS A 29 13.19 -18.60 -35.67
N GLU A 30 14.17 -18.49 -36.58
CA GLU A 30 14.72 -19.65 -37.29
C GLU A 30 15.72 -20.44 -36.45
N GLY A 31 16.22 -19.80 -35.40
CA GLY A 31 17.19 -20.45 -34.55
C GLY A 31 16.60 -21.54 -33.67
N PRO A 32 17.45 -22.27 -32.95
CA PRO A 32 17.12 -23.36 -32.03
C PRO A 32 16.08 -22.99 -30.98
N LEU A 33 16.03 -21.72 -30.56
CA LEU A 33 15.09 -21.29 -29.52
C LEU A 33 13.84 -20.60 -30.09
N GLY A 34 13.74 -20.55 -31.41
CA GLY A 34 12.66 -19.86 -32.07
C GLY A 34 11.27 -20.05 -31.52
N HIS A 35 10.94 -21.29 -31.17
CA HIS A 35 9.61 -21.61 -30.66
C HIS A 35 9.36 -21.18 -29.22
N LEU A 36 10.41 -20.78 -28.50
CA LEU A 36 10.28 -20.40 -27.10
C LEU A 36 9.90 -18.94 -26.84
N PHE A 37 10.06 -18.09 -27.84
CA PHE A 37 9.77 -16.67 -27.70
C PHE A 37 8.26 -16.46 -27.82
N ASP A 38 7.73 -15.43 -27.17
CA ASP A 38 6.28 -15.21 -27.18
C ASP A 38 5.79 -14.67 -28.50
N LYS A 39 6.59 -13.79 -29.07
CA LYS A 39 6.33 -13.23 -30.38
C LYS A 39 7.59 -13.46 -31.23
N SER A 40 7.42 -13.81 -32.50
CA SER A 40 8.56 -14.00 -33.41
C SER A 40 8.11 -13.69 -34.84
N TYR A 41 8.73 -12.68 -35.45
CA TYR A 41 8.32 -12.22 -36.77
C TYR A 41 9.11 -12.78 -37.93
N ASP A 42 8.40 -13.06 -39.04
CA ASP A 42 9.02 -13.63 -40.23
C ASP A 42 9.91 -12.66 -41.01
N GLU A 43 9.80 -11.37 -40.71
CA GLU A 43 10.54 -10.34 -41.44
C GLU A 43 10.94 -9.22 -40.49
N HIS A 45 10.99 -5.98 -40.25
CA HIS A 45 10.22 -4.78 -39.95
C HIS A 45 9.19 -5.09 -38.85
N CYS A 46 8.98 -6.36 -38.57
CA CYS A 46 8.03 -6.78 -37.54
C CYS A 46 6.67 -6.16 -37.81
N ASN A 47 6.30 -6.13 -39.10
CA ASN A 47 5.03 -5.61 -39.57
C ASN A 47 4.87 -4.12 -39.30
N GLN A 48 6.00 -3.43 -39.15
CA GLN A 48 6.00 -2.01 -38.82
C GLN A 48 6.49 -1.13 -39.97
N LYS A 49 6.25 0.17 -39.86
CA LYS A 49 6.63 1.12 -40.91
C LYS A 49 8.13 1.24 -41.15
N ASN A 50 8.91 1.18 -40.07
CA ASN A 50 10.36 1.35 -40.14
C ASN A 50 11.09 0.68 -38.98
N TRP A 51 12.40 0.87 -38.91
CA TRP A 51 13.20 0.19 -37.89
C TRP A 51 12.89 0.65 -36.48
N GLU A 52 12.62 1.95 -36.34
CA GLU A 52 12.32 2.52 -35.03
C GLU A 52 11.02 1.94 -34.52
N ALA A 54 9.68 -0.70 -35.49
CA ALA A 54 9.87 -2.15 -35.38
C ALA A 54 10.36 -2.53 -33.98
N GLU A 55 11.44 -1.89 -33.53
CA GLU A 55 11.98 -2.16 -32.18
C GLU A 55 10.99 -1.72 -31.09
N ARG A 56 10.24 -0.64 -31.32
CA ARG A 56 9.24 -0.21 -30.34
C ARG A 56 8.15 -1.27 -30.24
N LYS A 57 7.74 -1.83 -31.37
CA LYS A 57 6.77 -2.92 -31.38
C LYS A 57 7.34 -4.14 -30.62
N LEU A 58 8.61 -4.47 -30.82
CA LEU A 58 9.20 -5.59 -30.10
C LEU A 58 9.13 -5.41 -28.58
N GLU A 60 7.06 -3.29 -26.84
CA GLU A 60 5.64 -3.30 -26.48
C GLU A 60 5.11 -4.75 -26.44
N ASP A 61 5.47 -5.57 -27.43
CA ASP A 61 5.08 -6.98 -27.43
C ASP A 61 5.60 -7.69 -26.18
N ALA A 62 6.89 -7.53 -25.89
CA ALA A 62 7.48 -8.25 -24.77
C ALA A 62 6.85 -7.84 -23.45
N VAL A 63 6.65 -6.54 -23.28
CA VAL A 63 5.99 -6.02 -22.08
C VAL A 63 4.55 -6.53 -21.95
N GLN A 64 3.76 -6.48 -23.02
CA GLN A 64 2.37 -6.93 -22.93
C GLN A 64 2.28 -8.44 -22.70
N SER A 65 3.25 -9.20 -23.21
CA SER A 65 3.25 -10.65 -22.95
C SER A 65 3.47 -10.86 -21.45
N ALA A 66 4.48 -10.21 -20.89
CA ALA A 66 4.74 -10.36 -19.48
C ALA A 66 3.50 -9.94 -18.65
N LEU A 67 2.93 -8.79 -18.94
CA LEU A 67 1.75 -8.34 -18.19
C LEU A 67 0.54 -9.30 -18.34
N SER A 68 0.31 -9.77 -19.58
CA SER A 68 -0.81 -10.65 -19.89
C SER A 68 -0.78 -11.94 -19.10
N LYS A 69 0.41 -12.47 -18.90
CA LYS A 69 0.57 -13.71 -18.18
C LYS A 69 0.14 -13.59 -16.73
N GLN A 70 0.04 -12.37 -16.21
CA GLN A 70 -0.43 -12.19 -14.83
C GLN A 70 -1.73 -11.38 -14.82
N ASN A 71 -2.34 -11.19 -15.98
CA ASN A 71 -3.52 -10.33 -16.10
C ASN A 71 -3.31 -8.97 -15.41
N LEU A 72 -2.18 -8.33 -15.69
CA LEU A 72 -1.86 -7.02 -15.14
C LEU A 72 -2.06 -5.89 -16.16
N LYS A 73 -2.47 -4.72 -15.68
CA LYS A 73 -2.53 -3.52 -16.51
C LYS A 73 -1.25 -2.72 -16.16
N LYS A 74 -0.90 -1.77 -17.02
CA LYS A 74 0.23 -0.89 -16.77
C LYS A 74 0.11 -0.15 -15.43
N GLU A 75 -1.11 0.21 -15.03
CA GLU A 75 -1.30 0.90 -13.76
C GLU A 75 -0.94 0.04 -12.55
N ASP A 76 -0.82 -1.27 -12.74
CA ASP A 76 -0.50 -2.20 -11.65
C ASP A 76 1.00 -2.27 -11.35
N ILE A 77 1.79 -1.56 -12.14
CA ILE A 77 3.25 -1.54 -11.96
C ILE A 77 3.68 -0.22 -11.33
N ASP A 78 4.55 -0.28 -10.33
CA ASP A 78 5.00 0.91 -9.64
C ASP A 78 6.21 1.60 -10.29
N ILE A 79 7.10 0.81 -10.88
CA ILE A 79 8.33 1.35 -11.43
C ILE A 79 8.76 0.59 -12.69
N PHE A 80 9.30 1.33 -13.64
CA PHE A 80 9.73 0.78 -14.94
C PHE A 80 11.20 1.13 -15.13
N LEU A 81 12.02 0.10 -15.30
CA LEU A 81 13.46 0.29 -15.52
C LEU A 81 13.79 -0.27 -16.88
N ALA A 82 14.31 0.57 -17.75
CA ALA A 82 14.59 0.11 -19.09
C ALA A 82 15.59 0.99 -19.82
N GLY A 83 16.17 0.41 -20.86
CA GLY A 83 17.05 1.16 -21.74
C GLY A 83 17.24 0.34 -23.00
N ASP A 84 17.73 0.96 -24.07
CA ASP A 84 18.05 0.20 -25.28
C ASP A 84 19.39 -0.49 -25.07
N LEU A 85 19.55 -1.68 -25.62
CA LEU A 85 20.83 -2.38 -25.48
C LEU A 85 21.87 -1.75 -26.41
N LEU A 86 21.41 -1.12 -27.48
CA LEU A 86 22.32 -0.53 -28.42
C LEU A 86 22.23 0.98 -28.56
N ASN A 87 21.02 1.50 -28.75
CA ASN A 87 20.88 2.93 -29.06
C ASN A 87 20.67 3.87 -27.91
N GLN A 88 20.34 5.13 -28.21
CA GLN A 88 20.18 6.13 -27.12
C GLN A 88 18.84 6.28 -26.36
N ASN A 89 18.28 5.12 -26.05
CA ASN A 89 16.98 4.88 -25.44
C ASN A 89 15.77 5.35 -26.30
N VAL A 90 15.96 5.36 -27.63
CA VAL A 90 14.95 5.77 -28.63
C VAL A 90 13.65 4.97 -28.53
N THR A 91 13.77 3.72 -28.10
CA THR A 91 12.63 2.84 -27.95
C THR A 91 12.06 2.92 -26.53
N ALA A 92 12.95 2.75 -25.54
CA ALA A 92 12.53 2.74 -24.14
C ALA A 92 11.70 3.94 -23.70
N ASN A 93 12.11 5.14 -24.10
CA ASN A 93 11.40 6.36 -23.72
C ASN A 93 9.99 6.43 -24.33
N TYR A 94 9.87 5.99 -25.58
CA TYR A 94 8.58 5.93 -26.28
C TYR A 94 7.65 4.93 -25.56
N VAL A 95 8.15 3.75 -25.26
CA VAL A 95 7.33 2.77 -24.55
C VAL A 95 6.96 3.26 -23.14
N ALA A 96 7.90 3.91 -22.45
CA ALA A 96 7.63 4.43 -21.11
C ALA A 96 6.50 5.46 -21.17
N ARG A 97 6.52 6.28 -22.21
CA ARG A 97 5.49 7.32 -22.35
C ARG A 97 4.13 6.67 -22.45
N HIS A 98 4.03 5.59 -23.22
CA HIS A 98 2.77 4.91 -23.34
C HIS A 98 2.30 4.17 -22.10
N LEU A 99 3.22 3.58 -21.36
CA LEU A 99 2.86 2.82 -20.15
C LEU A 99 2.49 3.73 -19.00
N LYS A 100 3.07 4.93 -19.00
CA LYS A 100 2.82 5.92 -17.94
C LYS A 100 3.31 5.48 -16.57
N ILE A 101 4.16 4.48 -16.52
CA ILE A 101 4.70 4.01 -15.25
C ILE A 101 5.90 4.88 -14.90
N PRO A 102 6.05 5.24 -13.61
CA PRO A 102 7.20 6.06 -13.19
C PRO A 102 8.44 5.35 -13.78
N PHE A 103 9.34 6.15 -14.35
CA PHE A 103 10.42 5.63 -15.18
C PHE A 103 11.82 6.00 -14.83
N LEU A 104 12.66 4.99 -14.65
CA LEU A 104 14.09 5.18 -14.36
C LEU A 104 14.83 4.71 -15.62
N CYS A 105 15.42 5.67 -16.32
CA CYS A 105 16.00 5.45 -17.64
C CYS A 105 17.47 5.04 -17.57
N LEU A 106 17.78 3.86 -18.08
CA LEU A 106 19.15 3.35 -17.94
C LEU A 106 19.92 3.46 -19.21
N PHE A 107 21.26 3.50 -19.11
CA PHE A 107 22.03 3.66 -20.32
C PHE A 107 22.15 2.35 -21.02
N GLY A 108 21.88 2.41 -22.32
CA GLY A 108 21.86 1.24 -23.14
C GLY A 108 23.17 0.62 -23.52
N ALA A 109 23.44 -0.53 -22.93
CA ALA A 109 24.63 -1.29 -23.21
C ALA A 109 24.07 -2.69 -23.14
N CYS A 110 24.80 -3.68 -23.60
CA CYS A 110 24.29 -5.05 -23.49
C CYS A 110 24.20 -5.53 -22.04
N SER A 111 24.77 -4.78 -21.11
CA SER A 111 24.69 -5.17 -19.70
C SER A 111 23.36 -4.71 -19.07
N THR A 112 22.60 -3.91 -19.80
CA THR A 112 21.37 -3.32 -19.29
C THR A 112 20.30 -4.30 -18.83
N SER A 113 20.24 -5.46 -19.48
CA SER A 113 19.27 -6.49 -19.12
C SER A 113 19.39 -6.86 -17.64
N GLU A 115 21.38 -5.06 -15.41
CA GLU A 115 21.42 -3.84 -14.60
C GLU A 115 19.99 -3.48 -14.17
N SER A 116 19.04 -3.57 -15.09
CA SER A 116 17.65 -3.21 -14.83
C SER A 116 16.98 -4.13 -13.83
N ILE A 117 17.32 -5.42 -13.90
CA ILE A 117 16.79 -6.38 -12.93
C ILE A 117 17.43 -6.16 -11.54
N ALA A 118 18.72 -5.88 -11.49
CA ALA A 118 19.40 -5.63 -10.22
C ALA A 118 18.78 -4.43 -9.48
N ILE A 119 18.61 -3.32 -10.19
CA ILE A 119 18.04 -2.13 -9.56
C ILE A 119 16.60 -2.39 -9.15
N SER A 120 15.81 -3.00 -10.05
CA SER A 120 14.42 -3.35 -9.76
C SER A 120 14.34 -4.19 -8.49
N SER A 121 15.27 -5.15 -8.37
CA SER A 121 15.29 -6.05 -7.21
C SER A 121 15.57 -5.29 -5.92
N ALA A 122 16.53 -4.38 -5.95
CA ALA A 122 16.87 -3.57 -4.77
C ALA A 122 15.69 -2.70 -4.34
N LEU A 123 14.97 -2.12 -5.32
CA LEU A 123 13.83 -1.25 -5.03
C LEU A 123 12.66 -2.01 -4.42
N ILE A 124 12.40 -3.19 -4.96
CA ILE A 124 11.35 -4.00 -4.39
C ILE A 124 11.78 -4.51 -2.99
N ASP A 125 13.02 -4.97 -2.86
CA ASP A 125 13.45 -5.53 -1.59
C ASP A 125 13.57 -4.46 -0.51
N GLY A 126 13.82 -3.23 -0.96
CA GLY A 126 13.95 -2.10 -0.05
C GLY A 126 12.64 -1.42 0.31
N GLY A 127 11.53 -1.92 -0.23
CA GLY A 127 10.22 -1.35 0.07
C GLY A 127 9.81 -0.12 -0.72
N PHE A 128 10.48 0.13 -1.85
CA PHE A 128 10.17 1.30 -2.67
C PHE A 128 9.21 1.03 -3.83
N ALA A 129 8.95 -0.24 -4.10
CA ALA A 129 8.03 -0.62 -5.16
C ALA A 129 7.39 -1.97 -4.83
N LYS A 130 6.12 -2.15 -5.22
CA LYS A 130 5.44 -3.43 -5.00
C LYS A 130 5.75 -4.33 -6.22
N ARG A 131 5.60 -3.79 -7.42
CA ARG A 131 5.93 -4.53 -8.63
C ARG A 131 6.81 -3.65 -9.52
N ALA A 132 7.80 -4.28 -10.15
CA ALA A 132 8.64 -3.56 -11.11
C ALA A 132 8.56 -4.27 -12.47
N LEU A 133 8.69 -3.47 -13.52
CA LEU A 133 8.78 -3.94 -14.88
C LEU A 133 10.19 -3.55 -15.39
N ALA A 134 10.94 -4.51 -15.92
CA ALA A 134 12.27 -4.24 -16.48
C ALA A 134 12.28 -4.71 -17.93
N ALA A 135 12.82 -3.90 -18.83
CA ALA A 135 12.86 -4.23 -20.25
C ALA A 135 14.01 -3.60 -21.02
N THR A 136 14.46 -4.29 -22.05
CA THR A 136 15.52 -3.78 -22.91
C THR A 136 15.20 -4.26 -24.31
N SER A 137 15.77 -3.62 -25.32
CA SER A 137 15.55 -4.06 -26.68
C SER A 137 16.76 -3.76 -27.55
N SER A 138 16.80 -4.43 -28.70
CA SER A 138 17.82 -4.17 -29.69
C SER A 138 17.24 -4.55 -31.06
N HIS A 139 17.81 -3.98 -32.13
CA HIS A 139 17.37 -4.32 -33.48
C HIS A 139 18.60 -4.34 -34.39
N ASN A 140 18.90 -5.49 -35.00
CA ASN A 140 20.06 -5.61 -35.85
C ASN A 140 20.17 -4.52 -36.92
N ALA A 141 19.03 -4.08 -37.43
CA ALA A 141 18.99 -3.09 -38.50
C ALA A 141 19.55 -1.73 -38.16
N THR A 142 19.64 -1.42 -36.87
CA THR A 142 20.11 -0.10 -36.45
C THR A 142 21.32 -0.18 -35.54
N ALA A 143 21.83 -1.38 -35.37
CA ALA A 143 22.99 -1.62 -34.51
C ALA A 143 24.25 -0.96 -35.03
N GLU A 144 24.22 -0.55 -36.30
CA GLU A 144 25.39 0.08 -36.93
C GLU A 144 25.68 1.48 -36.38
N ARG A 145 24.64 2.13 -35.87
CA ARG A 145 24.76 3.48 -35.36
C ARG A 145 25.63 3.63 -34.12
N GLN A 146 26.84 3.09 -34.23
CA GLN A 146 27.89 3.21 -33.19
C GLN A 146 29.13 3.17 -34.08
N PHE A 147 29.55 4.37 -34.47
CA PHE A 147 30.55 4.60 -35.52
C PHE A 147 29.68 4.70 -36.82
N THR A 164 24.16 -8.74 -33.68
CA THR A 164 23.17 -8.17 -32.78
C THR A 164 21.80 -8.83 -32.89
N VAL A 165 21.30 -9.35 -31.77
CA VAL A 165 19.98 -9.93 -31.77
C VAL A 165 18.90 -8.88 -32.10
N THR A 166 17.84 -9.33 -32.76
CA THR A 166 16.69 -8.46 -33.02
C THR A 166 15.60 -8.94 -32.07
N GLY A 167 15.33 -8.16 -31.04
CA GLY A 167 14.33 -8.56 -30.06
C GLY A 167 14.27 -7.69 -28.81
N SER A 168 13.42 -8.11 -27.88
CA SER A 168 13.26 -7.43 -26.63
C SER A 168 12.77 -8.42 -25.59
N GLY A 169 13.25 -8.25 -24.36
CA GLY A 169 12.79 -9.08 -23.25
C GLY A 169 12.29 -8.19 -22.12
N ALA A 170 11.23 -8.60 -21.45
CA ALA A 170 10.71 -7.84 -20.32
C ALA A 170 10.38 -8.79 -19.18
N VAL A 171 10.50 -8.32 -17.95
CA VAL A 171 10.11 -9.14 -16.81
C VAL A 171 9.33 -8.32 -15.79
N VAL A 172 8.42 -9.00 -15.10
CA VAL A 172 7.65 -8.39 -14.01
C VAL A 172 8.19 -9.05 -12.74
N LEU A 173 8.54 -8.23 -11.76
CA LEU A 173 9.08 -8.75 -10.51
C LEU A 173 8.25 -8.25 -9.35
N SER A 174 8.18 -9.04 -8.30
CA SER A 174 7.47 -8.60 -7.11
C SER A 174 7.79 -9.53 -5.95
N GLN A 175 7.18 -9.30 -4.79
CA GLN A 175 7.40 -10.16 -3.63
C GLN A 175 6.40 -11.29 -3.61
N GLN A 176 5.50 -11.29 -4.59
CA GLN A 176 4.46 -12.32 -4.70
C GLN A 176 5.06 -13.58 -5.33
N PRO A 177 4.81 -14.74 -4.72
CA PRO A 177 5.33 -16.01 -5.21
C PRO A 177 5.25 -16.29 -6.69
N GLY A 178 6.38 -16.69 -7.27
CA GLY A 178 6.45 -17.05 -8.67
C GLY A 178 7.33 -18.29 -8.82
N GLY A 179 7.46 -18.79 -10.05
CA GLY A 179 8.26 -19.98 -10.28
C GLY A 179 9.75 -19.80 -10.10
N ILE A 180 10.20 -18.55 -10.11
CA ILE A 180 11.63 -18.26 -10.03
C ILE A 180 11.92 -17.18 -9.02
N LYS A 181 12.90 -17.42 -8.15
CA LYS A 181 13.28 -16.41 -7.16
C LYS A 181 14.56 -15.72 -7.60
N ILE A 182 14.73 -14.47 -7.17
CA ILE A 182 15.98 -13.75 -7.39
C ILE A 182 16.64 -13.70 -5.98
N THR A 183 17.88 -14.18 -5.85
CA THR A 183 18.49 -14.21 -4.53
C THR A 183 19.64 -13.23 -4.33
N SER A 184 20.29 -12.84 -5.41
CA SER A 184 21.36 -11.86 -5.30
C SER A 184 21.64 -11.24 -6.66
N ALA A 185 22.37 -10.13 -6.64
CA ALA A 185 22.82 -9.48 -7.86
C ALA A 185 24.21 -8.91 -7.54
N THR A 186 25.09 -8.88 -8.54
CA THR A 186 26.39 -8.26 -8.36
C THR A 186 26.55 -7.14 -9.39
N VAL A 187 26.78 -5.92 -8.90
CA VAL A 187 26.96 -4.75 -9.75
C VAL A 187 28.42 -4.72 -10.20
N GLY A 188 28.63 -4.58 -11.50
CA GLY A 188 29.98 -4.54 -11.98
C GLY A 188 30.61 -3.17 -11.95
N ARG A 189 31.93 -3.14 -12.03
CA ARG A 189 32.66 -1.88 -12.16
C ARG A 189 33.19 -1.87 -13.59
N VAL A 190 33.45 -0.68 -14.11
CA VAL A 190 33.92 -0.58 -15.48
C VAL A 190 35.34 -1.12 -15.57
N ILE A 191 35.59 -1.94 -16.58
CA ILE A 191 36.92 -2.53 -16.83
C ILE A 191 37.34 -2.21 -18.27
N ASP A 192 38.54 -1.66 -18.43
CA ASP A 192 39.04 -1.28 -19.76
C ASP A 192 40.52 -1.60 -19.81
N LEU A 193 40.87 -2.62 -20.58
CA LEU A 193 42.26 -3.06 -20.69
C LEU A 193 42.99 -2.59 -21.94
N GLY A 194 42.32 -1.79 -22.76
CA GLY A 194 42.98 -1.20 -23.92
C GLY A 194 42.34 -1.34 -25.28
N ILE A 195 41.70 -2.47 -25.52
CA ILE A 195 41.10 -2.74 -26.83
C ILE A 195 40.33 -1.55 -27.43
N THR A 196 40.61 -1.26 -28.69
CA THR A 196 39.95 -0.16 -29.41
C THR A 196 39.28 -0.69 -30.69
N ASP A 197 39.64 -1.90 -31.09
CA ASP A 197 39.07 -2.51 -32.28
C ASP A 197 37.59 -2.78 -32.02
N SER A 198 36.73 -1.96 -32.62
CA SER A 198 35.29 -2.08 -32.43
C SER A 198 34.73 -3.45 -32.81
N GLN A 199 35.56 -4.26 -33.45
CA GLN A 199 35.15 -5.59 -33.88
C GLN A 199 35.76 -6.66 -32.99
N ASP A 200 36.64 -6.23 -32.08
CA ASP A 200 37.29 -7.13 -31.13
C ASP A 200 36.51 -7.08 -29.80
N GLY A 202 34.82 -9.22 -28.20
CA GLY A 202 34.99 -10.38 -27.34
C GLY A 202 36.12 -10.23 -26.35
N SER A 203 37.29 -9.84 -26.86
CA SER A 203 38.47 -9.65 -26.03
C SER A 203 38.33 -8.48 -25.07
N ALA A 204 37.46 -7.52 -25.40
CA ALA A 204 37.28 -6.36 -24.54
C ALA A 204 36.30 -6.64 -23.39
N ALA A 206 35.33 -9.70 -22.11
CA ALA A 206 35.68 -10.83 -21.25
C ALA A 206 36.30 -10.46 -19.90
N PRO A 207 37.26 -9.50 -19.88
CA PRO A 207 37.86 -9.12 -18.59
C PRO A 207 36.79 -8.53 -17.65
N ALA A 208 35.76 -7.87 -18.17
CA ALA A 208 34.69 -7.32 -17.32
C ALA A 208 33.83 -8.44 -16.75
N ALA A 209 33.46 -9.40 -17.60
CA ALA A 209 32.67 -10.53 -17.14
C ALA A 209 33.45 -11.30 -16.09
N ALA A 210 34.77 -11.40 -16.27
CA ALA A 210 35.60 -12.15 -15.35
C ALA A 210 35.68 -11.50 -13.99
N ASP A 211 35.78 -10.18 -13.98
CA ASP A 211 35.88 -9.46 -12.74
C ASP A 211 34.58 -9.58 -11.94
N THR A 212 33.46 -9.43 -12.63
CA THR A 212 32.16 -9.51 -11.97
C THR A 212 31.89 -10.93 -11.45
N ILE A 213 32.21 -11.93 -12.26
CA ILE A 213 32.02 -13.30 -11.79
C ILE A 213 32.95 -13.58 -10.59
N LYS A 214 34.22 -13.18 -10.69
CA LYS A 214 35.15 -13.42 -9.60
C LYS A 214 34.66 -12.73 -8.32
N GLN A 215 34.24 -11.47 -8.45
CA GLN A 215 33.81 -10.73 -7.27
C GLN A 215 32.54 -11.30 -6.65
N HIS A 216 31.63 -11.76 -7.50
CA HIS A 216 30.39 -12.37 -7.04
C HIS A 216 30.67 -13.60 -6.18
N LEU A 217 31.50 -14.51 -6.70
CA LEU A 217 31.86 -15.73 -5.96
C LEU A 217 32.58 -15.40 -4.66
N GLU A 218 33.58 -14.52 -4.74
CA GLU A 218 34.31 -14.06 -3.56
C GLU A 218 33.35 -13.46 -2.51
N ASP A 219 32.49 -12.55 -2.94
CA ASP A 219 31.54 -11.91 -2.04
C ASP A 219 30.68 -12.93 -1.31
N LEU A 220 30.17 -13.92 -2.03
CA LEU A 220 29.28 -14.91 -1.40
C LEU A 220 29.97 -16.15 -0.87
N GLY A 221 31.30 -16.17 -0.95
CA GLY A 221 32.06 -17.33 -0.49
C GLY A 221 31.69 -18.60 -1.26
N ARG A 222 31.37 -18.44 -2.53
CA ARG A 222 30.94 -19.58 -3.35
C ARG A 222 31.93 -19.95 -4.43
N THR A 223 31.68 -21.07 -5.10
CA THR A 223 32.50 -21.50 -6.21
C THR A 223 31.56 -21.94 -7.34
N PRO A 224 32.10 -22.22 -8.52
CA PRO A 224 31.20 -22.64 -9.61
C PRO A 224 30.38 -23.88 -9.29
N ASP A 225 30.83 -24.65 -8.30
CA ASP A 225 30.11 -25.86 -7.90
C ASP A 225 28.81 -25.55 -7.18
N ASP A 226 28.62 -24.30 -6.78
CA ASP A 226 27.36 -23.90 -6.12
C ASP A 226 26.33 -23.47 -7.17
N TYR A 227 26.70 -23.53 -8.44
CA TYR A 227 25.79 -23.13 -9.51
C TYR A 227 25.57 -24.25 -10.52
N ASP A 228 24.35 -24.33 -11.04
CA ASP A 228 24.07 -25.34 -12.06
C ASP A 228 24.55 -24.82 -13.41
N LEU A 229 24.62 -23.49 -13.54
CA LEU A 229 25.00 -22.87 -14.77
C LEU A 229 25.54 -21.47 -14.53
N ILE A 230 26.61 -21.10 -15.21
CA ILE A 230 27.10 -19.71 -15.16
C ILE A 230 26.96 -19.26 -16.62
N LEU A 231 25.99 -18.39 -16.84
CA LEU A 231 25.63 -17.95 -18.18
C LEU A 231 26.09 -16.55 -18.48
N THR A 232 26.81 -16.36 -19.57
CA THR A 232 27.19 -15.00 -19.92
C THR A 232 26.40 -14.60 -21.15
N GLY A 233 26.31 -13.30 -21.35
CA GLY A 233 25.62 -12.83 -22.48
C GLY A 233 26.65 -12.07 -23.28
N ASP A 234 26.61 -12.35 -24.57
CA ASP A 234 27.33 -11.56 -25.54
C ASP A 234 28.80 -11.68 -25.66
N LEU A 235 29.36 -12.73 -25.05
CA LEU A 235 30.78 -12.99 -25.22
C LEU A 235 30.92 -13.81 -26.51
N SER A 236 29.99 -14.72 -26.73
CA SER A 236 29.98 -15.56 -27.91
C SER A 236 31.24 -16.40 -28.00
N GLY A 237 31.63 -16.75 -29.22
CA GLY A 237 32.75 -17.64 -29.44
C GLY A 237 34.13 -17.15 -29.13
N VAL A 238 34.41 -15.90 -29.47
CA VAL A 238 35.72 -15.32 -29.21
C VAL A 238 35.94 -15.05 -27.71
N GLY A 239 34.96 -14.41 -27.09
CA GLY A 239 35.09 -14.05 -25.69
C GLY A 239 35.04 -15.16 -24.66
N SER A 240 34.24 -16.19 -24.91
CA SER A 240 34.08 -17.27 -23.92
C SER A 240 35.37 -17.96 -23.47
N PRO A 241 36.20 -18.43 -24.43
CA PRO A 241 37.44 -19.10 -24.05
C PRO A 241 38.36 -18.15 -23.24
N ILE A 242 38.36 -16.86 -23.59
CA ILE A 242 39.16 -15.88 -22.87
C ILE A 242 38.65 -15.73 -21.43
N LEU A 243 37.33 -15.70 -21.28
CA LEU A 243 36.72 -15.58 -19.95
C LEU A 243 37.13 -16.74 -19.05
N LYS A 244 37.04 -17.96 -19.59
CA LYS A 244 37.41 -19.16 -18.85
C LYS A 244 38.86 -19.12 -18.39
N ASP A 245 39.75 -18.71 -19.28
CA ASP A 245 41.17 -18.61 -18.96
C ASP A 245 41.43 -17.59 -17.87
N LEU A 246 40.82 -16.41 -18.00
CA LEU A 246 40.99 -15.35 -17.02
C LEU A 246 40.51 -15.79 -15.65
N LEU A 247 39.43 -16.55 -15.62
CA LEU A 247 38.93 -17.02 -14.34
C LEU A 247 39.88 -18.03 -13.74
N LYS A 248 40.47 -18.88 -14.58
CA LYS A 248 41.44 -19.87 -14.07
C LYS A 248 42.62 -19.18 -13.40
N GLU A 249 43.07 -18.05 -13.96
CA GLU A 249 44.19 -17.30 -13.37
C GLU A 249 43.84 -16.83 -11.96
N GLU A 250 42.56 -16.64 -11.69
CA GLU A 250 42.11 -16.21 -10.37
C GLU A 250 41.79 -17.45 -9.52
N GLY A 251 42.15 -18.61 -10.04
CA GLY A 251 41.85 -19.86 -9.34
C GLY A 251 40.37 -20.20 -9.33
N ILE A 252 39.68 -19.83 -10.41
CA ILE A 252 38.26 -20.15 -10.56
C ILE A 252 38.08 -21.02 -11.82
N ASN A 253 37.69 -22.28 -11.59
CA ASN A 253 37.46 -23.23 -12.68
C ASN A 253 35.99 -23.47 -12.93
N VAL A 254 35.47 -22.85 -13.99
CA VAL A 254 34.06 -22.98 -14.31
C VAL A 254 33.79 -24.30 -15.00
N GLY A 255 34.84 -24.90 -15.55
CA GLY A 255 34.71 -26.17 -16.22
C GLY A 255 33.63 -26.13 -17.28
N THR A 256 32.78 -27.15 -17.28
CA THR A 256 31.70 -27.25 -18.26
C THR A 256 30.47 -26.47 -17.81
N LYS A 257 30.60 -25.79 -16.68
CA LYS A 257 29.51 -25.03 -16.05
C LYS A 257 29.17 -23.74 -16.78
N HIS A 258 30.07 -23.28 -17.64
CA HIS A 258 29.83 -22.05 -18.37
C HIS A 258 29.24 -22.23 -19.75
N ASN A 259 28.26 -21.38 -20.07
CA ASN A 259 27.76 -21.30 -21.45
C ASN A 259 27.47 -19.82 -21.77
N ASP A 260 27.38 -19.48 -23.06
CA ASP A 260 27.10 -18.11 -23.46
C ASP A 260 25.82 -18.06 -24.30
N CYS A 261 24.98 -17.05 -24.05
CA CYS A 261 23.72 -16.93 -24.78
C CYS A 261 23.92 -16.80 -26.29
N GLY A 262 24.94 -16.04 -26.68
CA GLY A 262 25.23 -15.86 -28.09
C GLY A 262 25.45 -17.17 -28.80
N LEU A 263 25.72 -18.21 -28.02
CA LEU A 263 26.01 -19.52 -28.58
C LEU A 263 24.79 -20.43 -28.68
N ILE A 265 21.40 -19.17 -29.36
CA ILE A 265 20.25 -18.62 -30.05
C ILE A 265 20.27 -18.78 -31.54
N TYR A 266 21.46 -18.99 -32.09
CA TYR A 266 21.58 -19.18 -33.53
C TYR A 266 22.17 -20.54 -33.89
N THR A 267 21.78 -21.05 -35.05
CA THR A 267 22.29 -22.34 -35.50
C THR A 267 23.73 -22.17 -35.99
N PRO A 268 24.38 -23.29 -36.37
CA PRO A 268 25.76 -23.18 -36.87
C PRO A 268 25.67 -22.77 -38.36
N GLY A 278 29.02 -9.19 -29.41
CA GLY A 278 28.29 -8.20 -28.64
C GLY A 278 26.84 -8.15 -29.07
N CYS A 279 26.30 -9.31 -29.42
CA CYS A 279 24.90 -9.43 -29.82
C CYS A 279 24.10 -9.45 -28.53
N ALA A 280 23.33 -8.40 -28.31
CA ALA A 280 22.53 -8.25 -27.10
C ALA A 280 21.45 -9.33 -26.99
N CYS A 281 21.86 -10.54 -26.63
CA CYS A 281 20.88 -11.62 -26.54
C CYS A 281 20.67 -12.18 -25.15
N SER A 282 21.33 -11.60 -24.15
CA SER A 282 21.23 -12.15 -22.80
C SER A 282 19.81 -12.19 -22.25
N ALA A 283 19.02 -11.16 -22.54
CA ALA A 283 17.67 -11.13 -22.04
C ALA A 283 16.71 -12.12 -22.70
N VAL A 284 16.65 -12.14 -24.03
CA VAL A 284 15.67 -13.03 -24.64
C VAL A 284 15.98 -14.50 -24.40
N VAL A 285 17.26 -14.85 -24.35
CA VAL A 285 17.63 -16.24 -24.09
C VAL A 285 17.37 -16.57 -22.62
N THR A 286 17.74 -15.69 -21.72
CA THR A 286 17.48 -15.95 -20.31
C THR A 286 15.96 -16.06 -20.03
N PHE A 287 15.18 -15.14 -20.58
CA PHE A 287 13.75 -15.16 -20.32
C PHE A 287 12.99 -16.29 -21.02
N ALA A 288 13.26 -16.48 -22.31
CA ALA A 288 12.56 -17.49 -23.11
C ALA A 288 12.98 -18.92 -22.85
N HIS A 289 14.26 -19.11 -22.54
CA HIS A 289 14.81 -20.44 -22.41
C HIS A 289 15.28 -20.79 -21.01
N ILE A 290 16.21 -20.01 -20.46
CA ILE A 290 16.72 -20.34 -19.14
C ILE A 290 15.63 -20.37 -18.06
N PHE A 291 14.71 -19.42 -18.08
CA PHE A 291 13.62 -19.43 -17.08
C PHE A 291 12.78 -20.70 -17.22
N LYS A 292 12.55 -21.15 -18.46
CA LYS A 292 11.77 -22.37 -18.66
C LYS A 292 12.52 -23.57 -18.07
N GLU A 293 13.83 -23.62 -18.28
CA GLU A 293 14.62 -24.72 -17.73
C GLU A 293 14.54 -24.75 -16.20
N ILE A 294 14.60 -23.57 -15.57
CA ILE A 294 14.55 -23.48 -14.12
C ILE A 294 13.17 -23.89 -13.61
N GLU A 295 12.12 -23.36 -14.24
CA GLU A 295 10.78 -23.72 -13.80
C GLU A 295 10.50 -25.19 -14.01
N ALA A 296 11.09 -25.77 -15.06
CA ALA A 296 10.90 -27.19 -15.35
C ALA A 296 11.73 -28.06 -14.39
N GLY A 297 12.52 -27.41 -13.55
CA GLY A 297 13.34 -28.15 -12.60
C GLY A 297 14.60 -28.77 -13.19
N ARG A 298 14.99 -28.33 -14.39
CA ARG A 298 16.21 -28.86 -14.98
C ARG A 298 17.44 -28.06 -14.53
N LEU A 299 17.19 -26.85 -14.02
CA LEU A 299 18.27 -26.01 -13.48
C LEU A 299 17.75 -25.42 -12.18
N ASN A 300 18.54 -25.46 -11.11
CA ASN A 300 18.07 -24.92 -9.85
C ASN A 300 18.64 -23.56 -9.47
N ARG A 301 19.92 -23.33 -9.75
CA ARG A 301 20.55 -22.03 -9.46
C ARG A 301 21.45 -21.62 -10.63
N VAL A 302 21.17 -20.45 -11.19
CA VAL A 302 21.91 -19.95 -12.32
C VAL A 302 22.41 -18.53 -12.12
N LEU A 303 23.68 -18.30 -12.41
CA LEU A 303 24.26 -16.96 -12.36
C LEU A 303 24.22 -16.46 -13.80
N VAL A 304 23.53 -15.35 -14.04
CA VAL A 304 23.49 -14.77 -15.39
C VAL A 304 24.26 -13.46 -15.37
N VAL A 305 25.25 -13.34 -16.24
CA VAL A 305 26.07 -12.14 -16.29
C VAL A 305 25.97 -11.51 -17.66
N ALA A 306 25.38 -10.32 -17.72
CA ALA A 306 25.26 -9.59 -18.98
C ALA A 306 26.44 -8.63 -19.06
N THR A 307 27.11 -8.61 -20.20
CA THR A 307 28.31 -7.80 -20.39
C THR A 307 28.10 -6.80 -21.50
N GLY A 308 28.47 -5.56 -21.23
CA GLY A 308 28.27 -4.51 -22.22
C GLY A 308 29.52 -3.76 -22.62
N ALA A 309 29.61 -3.41 -23.90
CA ALA A 309 30.72 -2.58 -24.37
C ALA A 309 30.17 -1.15 -24.40
N LEU A 310 30.70 -0.31 -23.52
CA LEU A 310 30.23 1.07 -23.43
C LEU A 310 30.90 1.94 -24.49
N LEU A 311 30.29 1.99 -25.66
CA LEU A 311 30.82 2.82 -26.75
C LEU A 311 29.74 3.55 -27.54
N SER A 312 30.18 4.30 -28.54
CA SER A 312 29.27 5.05 -29.40
C SER A 312 30.12 5.73 -30.46
N PRO A 313 29.48 6.35 -31.47
CA PRO A 313 30.26 7.01 -32.51
C PRO A 313 31.45 7.79 -31.99
N THR A 314 31.20 8.71 -31.07
CA THR A 314 32.26 9.56 -30.54
C THR A 314 33.47 8.76 -30.09
N ILE A 315 33.22 7.73 -29.30
CA ILE A 315 34.30 6.87 -28.80
C ILE A 315 35.13 6.32 -29.94
N ILE A 316 34.45 5.68 -30.90
CA ILE A 316 35.10 5.07 -32.05
C ILE A 316 35.70 6.12 -32.98
N GLN A 317 34.97 7.20 -33.18
CA GLN A 317 35.42 8.30 -34.04
C GLN A 317 36.78 8.82 -33.58
N GLN A 318 37.09 8.60 -32.31
CA GLN A 318 38.34 9.08 -31.73
C GLN A 318 39.36 7.99 -31.49
N LYS A 319 39.03 6.77 -31.89
CA LYS A 319 39.94 5.64 -31.72
C LYS A 319 40.37 5.45 -30.27
N GLU A 320 39.41 5.56 -29.35
CA GLU A 320 39.70 5.37 -27.94
C GLU A 320 39.42 3.93 -27.52
N SER A 321 40.09 3.51 -26.46
CA SER A 321 39.87 2.18 -25.89
C SER A 321 38.36 2.07 -25.55
N ILE A 322 37.88 0.83 -25.44
CA ILE A 322 36.48 0.61 -25.14
C ILE A 322 36.30 0.02 -23.76
N PRO A 323 35.60 0.74 -22.89
CA PRO A 323 35.38 0.26 -21.53
C PRO A 323 34.23 -0.73 -21.55
N CYS A 324 34.25 -1.69 -20.64
CA CYS A 324 33.20 -2.69 -20.61
C CYS A 324 32.75 -2.90 -19.19
N ILE A 325 31.55 -3.43 -19.02
CA ILE A 325 31.02 -3.67 -17.69
C ILE A 325 30.10 -4.86 -17.73
N ALA A 326 30.07 -5.63 -16.65
CA ALA A 326 29.23 -6.79 -16.56
C ALA A 326 28.48 -6.78 -15.23
N HIS A 327 27.18 -7.00 -15.30
CA HIS A 327 26.32 -7.06 -14.11
C HIS A 327 25.72 -8.46 -14.05
N GLY A 328 25.63 -9.00 -12.84
CA GLY A 328 25.13 -10.35 -12.64
C GLY A 328 23.92 -10.49 -11.74
N VAL A 329 23.08 -11.48 -12.02
CA VAL A 329 21.92 -11.75 -11.18
C VAL A 329 21.76 -13.25 -10.99
N VAL A 330 21.43 -13.68 -9.78
CA VAL A 330 21.20 -15.09 -9.51
C VAL A 330 19.70 -15.42 -9.46
N PHE A 331 19.30 -16.35 -10.32
CA PHE A 331 17.92 -16.81 -10.37
C PHE A 331 17.91 -18.27 -9.86
N GLU A 332 16.87 -18.63 -9.11
CA GLU A 332 16.78 -19.99 -8.58
C GLU A 332 15.34 -20.50 -8.62
N ARG A 333 15.16 -21.81 -8.70
CA ARG A 333 13.81 -22.34 -8.74
C ARG A 333 13.13 -22.09 -7.38
N ALA A 334 11.90 -21.59 -7.42
CA ALA A 334 11.17 -21.35 -6.18
C ALA A 334 10.77 -22.69 -5.54
N LYS B 2 -33.74 -6.13 31.06
CA LYS B 2 -33.09 -4.84 31.10
C LYS B 2 -33.58 -4.01 29.91
N LEU B 3 -34.11 -4.70 28.92
CA LEU B 3 -34.73 -4.06 27.77
C LEU B 3 -36.03 -3.40 28.26
N THR B 4 -36.17 -2.10 27.99
CA THR B 4 -37.32 -1.32 28.41
C THR B 4 -37.96 -0.73 27.17
N GLY B 5 -39.25 -1.01 26.97
CA GLY B 5 -39.91 -0.55 25.77
C GLY B 5 -39.33 -1.25 24.54
N LYS B 6 -39.15 -0.49 23.46
CA LYS B 6 -38.68 -1.09 22.23
C LYS B 6 -37.18 -1.14 21.94
N GLN B 7 -36.48 -0.10 22.36
CA GLN B 7 -35.08 0.04 21.94
C GLN B 7 -34.17 0.51 23.03
N THR B 8 -34.66 0.46 24.25
CA THR B 8 -33.85 0.98 25.32
C THR B 8 -33.37 -0.03 26.34
N TRP B 9 -32.08 0.04 26.61
CA TRP B 9 -31.46 -0.81 27.60
C TRP B 9 -31.30 0.01 28.89
N GLU B 10 -31.85 -0.50 29.98
CA GLU B 10 -31.70 0.18 31.26
C GLU B 10 -30.78 -0.66 32.12
N PHE B 11 -29.61 -0.13 32.45
CA PHE B 11 -28.66 -0.94 33.22
C PHE B 11 -29.08 -1.02 34.67
N GLU B 12 -28.92 -2.21 35.25
CA GLU B 12 -29.42 -2.42 36.60
C GLU B 12 -28.38 -2.31 37.68
N ASN B 13 -27.14 -2.61 37.34
CA ASN B 13 -26.08 -2.51 38.33
C ASN B 13 -25.26 -1.25 38.12
N PRO B 14 -24.46 -0.86 39.12
CA PRO B 14 -23.62 0.35 39.04
C PRO B 14 -22.77 0.28 37.78
N LEU B 15 -22.68 1.39 37.05
CA LEU B 15 -21.93 1.43 35.78
C LEU B 15 -21.35 2.82 35.65
N PHE B 16 -20.05 2.92 35.44
CA PHE B 16 -19.41 4.22 35.37
C PHE B 16 -18.40 4.45 34.26
N VAL B 17 -18.25 5.73 33.91
CA VAL B 17 -17.13 6.11 33.06
C VAL B 17 -15.98 6.35 34.10
N ASN B 18 -14.95 5.52 34.13
CA ASN B 18 -13.86 5.75 35.08
C ASN B 18 -12.87 6.81 34.57
N SER B 19 -12.74 6.94 33.27
CA SER B 19 -11.86 7.94 32.69
C SER B 19 -12.13 8.04 31.21
N SER B 20 -11.68 9.14 30.61
CA SER B 20 -11.81 9.35 29.18
C SER B 20 -10.50 9.95 28.69
N GLY B 21 -10.29 9.87 27.38
CA GLY B 21 -9.11 10.43 26.76
C GLY B 21 -9.51 11.04 25.43
N THR B 22 -8.87 12.16 25.10
CA THR B 22 -9.11 12.83 23.83
C THR B 22 -7.80 13.40 23.27
N ALA B 23 -7.68 13.30 21.95
CA ALA B 23 -6.49 13.78 21.27
C ALA B 23 -7.05 14.43 20.02
N VAL B 24 -6.58 15.63 19.70
CA VAL B 24 -7.15 16.33 18.56
C VAL B 24 -6.11 17.11 17.77
N GLY B 25 -6.52 17.61 16.60
CA GLY B 25 -5.64 18.36 15.72
C GLY B 25 -5.58 19.83 16.10
N PRO B 26 -4.87 20.65 15.30
CA PRO B 26 -4.74 22.08 15.57
C PRO B 26 -6.01 22.90 15.54
N LYS B 27 -6.88 22.61 14.57
CA LYS B 27 -8.13 23.34 14.44
C LYS B 27 -9.00 23.19 15.69
N GLU B 28 -9.07 21.98 16.22
CA GLU B 28 -9.81 21.74 17.45
C GLU B 28 -9.10 22.42 18.61
N LYS B 29 -7.77 22.36 18.61
CA LYS B 29 -6.94 22.95 19.65
C LYS B 29 -7.19 24.46 19.73
N GLU B 30 -7.39 25.07 18.58
CA GLU B 30 -7.62 26.51 18.50
C GLU B 30 -9.07 26.90 18.81
N GLY B 31 -9.95 25.91 18.86
CA GLY B 31 -11.35 26.20 19.12
C GLY B 31 -11.64 26.46 20.58
N PRO B 32 -12.90 26.79 20.90
CA PRO B 32 -13.37 27.08 22.26
C PRO B 32 -13.08 26.00 23.30
N LEU B 33 -13.00 24.74 22.88
CA LEU B 33 -12.75 23.67 23.85
C LEU B 33 -11.29 23.23 23.82
N GLY B 34 -10.48 24.01 23.13
CA GLY B 34 -9.08 23.69 22.96
C GLY B 34 -8.34 23.28 24.21
N HIS B 35 -8.67 23.92 25.32
CA HIS B 35 -7.99 23.65 26.57
C HIS B 35 -8.50 22.43 27.32
N LEU B 36 -9.50 21.76 26.75
CA LEU B 36 -10.11 20.62 27.45
C LEU B 36 -9.63 19.26 26.99
N PHE B 37 -9.04 19.19 25.80
CA PHE B 37 -8.57 17.91 25.28
C PHE B 37 -7.27 17.54 25.96
N ASP B 38 -7.06 16.24 26.14
CA ASP B 38 -5.88 15.76 26.84
C ASP B 38 -4.61 15.96 26.03
N LYS B 39 -4.74 15.80 24.72
CA LYS B 39 -3.62 15.91 23.82
C LYS B 39 -4.00 16.66 22.55
N SER B 40 -3.14 17.56 22.10
CA SER B 40 -3.39 18.27 20.85
C SER B 40 -2.09 18.40 20.04
N TYR B 41 -2.24 18.51 18.73
CA TYR B 41 -1.12 18.60 17.80
C TYR B 41 -1.21 19.86 16.95
N ASP B 42 -0.07 20.45 16.64
CA ASP B 42 0.01 21.69 15.88
C ASP B 42 -0.22 21.57 14.39
N GLU B 43 -0.02 20.36 13.87
CA GLU B 43 -0.18 20.13 12.43
C GLU B 43 -0.98 18.84 12.26
N HIS B 45 -0.72 16.18 10.46
CA HIS B 45 -0.06 14.87 10.37
C HIS B 45 0.25 14.33 11.78
N CYS B 46 0.12 15.19 12.79
CA CYS B 46 0.38 14.80 14.17
C CYS B 46 1.76 14.18 14.37
N ASN B 47 2.76 14.76 13.71
CA ASN B 47 4.16 14.30 13.78
C ASN B 47 4.34 12.93 13.15
N GLN B 48 3.38 12.54 12.32
CA GLN B 48 3.36 11.21 11.71
C GLN B 48 3.59 11.29 10.23
N LYS B 49 3.86 10.15 9.59
CA LYS B 49 4.21 10.13 8.18
C LYS B 49 3.08 10.39 7.20
N ASN B 50 1.91 9.78 7.44
CA ASN B 50 0.77 9.99 6.56
C ASN B 50 -0.52 10.16 7.36
N TRP B 51 -1.66 10.32 6.67
CA TRP B 51 -2.92 10.56 7.36
C TRP B 51 -3.37 9.37 8.17
N GLU B 52 -3.12 8.16 7.66
CA GLU B 52 -3.53 6.95 8.37
C GLU B 52 -2.78 6.85 9.69
N ALA B 54 -1.49 9.27 11.23
CA ALA B 54 -1.89 10.39 12.09
C ALA B 54 -3.15 10.03 12.91
N GLU B 55 -4.17 9.48 12.24
CA GLU B 55 -5.39 9.09 12.96
C GLU B 55 -5.09 7.97 13.97
N ARG B 56 -4.23 7.04 13.58
CA ARG B 56 -3.85 5.95 14.47
C ARG B 56 -3.15 6.50 15.72
N LYS B 57 -2.34 7.54 15.54
CA LYS B 57 -1.65 8.17 16.67
C LYS B 57 -2.67 8.83 17.62
N LEU B 58 -3.66 9.52 17.05
CA LEU B 58 -4.68 10.17 17.84
C LEU B 58 -5.44 9.13 18.70
N GLU B 60 -4.37 6.11 19.61
CA GLU B 60 -3.44 5.56 20.59
C GLU B 60 -3.22 6.54 21.74
N ASP B 61 -3.12 7.84 21.43
CA ASP B 61 -3.02 8.87 22.47
C ASP B 61 -4.27 8.89 23.37
N ALA B 62 -5.44 8.88 22.76
CA ALA B 62 -6.69 8.94 23.52
C ALA B 62 -6.85 7.75 24.47
N VAL B 63 -6.53 6.57 23.97
CA VAL B 63 -6.62 5.36 24.78
C VAL B 63 -5.61 5.45 25.91
N GLN B 64 -4.37 5.82 25.60
CA GLN B 64 -3.33 5.90 26.64
C GLN B 64 -3.69 6.90 27.74
N SER B 65 -4.30 8.03 27.39
CA SER B 65 -4.71 9.01 28.41
C SER B 65 -5.76 8.39 29.30
N ALA B 66 -6.78 7.79 28.70
CA ALA B 66 -7.81 7.13 29.48
C ALA B 66 -7.20 6.06 30.41
N LEU B 67 -6.33 5.20 29.89
CA LEU B 67 -5.72 4.16 30.72
C LEU B 67 -4.82 4.73 31.82
N SER B 68 -4.02 5.74 31.48
CA SER B 68 -3.08 6.37 32.44
C SER B 68 -3.78 7.04 33.62
N LYS B 69 -4.86 7.76 33.34
CA LYS B 69 -5.62 8.44 34.39
C LYS B 69 -6.11 7.47 35.46
N GLN B 70 -6.38 6.22 35.08
CA GLN B 70 -6.86 5.21 36.02
C GLN B 70 -5.75 4.27 36.44
N ASN B 71 -4.51 4.59 36.03
CA ASN B 71 -3.34 3.77 36.34
C ASN B 71 -3.46 2.35 35.80
N LEU B 72 -4.09 2.19 34.65
CA LEU B 72 -4.31 0.88 34.07
C LEU B 72 -3.34 0.56 32.95
N LYS B 73 -3.25 -0.72 32.65
CA LYS B 73 -2.48 -1.20 31.51
C LYS B 73 -3.53 -1.87 30.59
N LYS B 74 -3.18 -2.02 29.32
CA LYS B 74 -4.08 -2.66 28.38
C LYS B 74 -4.53 -4.02 28.93
N GLU B 75 -3.61 -4.76 29.56
CA GLU B 75 -3.95 -6.08 30.10
C GLU B 75 -5.07 -6.04 31.13
N ASP B 76 -5.34 -4.87 31.69
CA ASP B 76 -6.40 -4.72 32.69
C ASP B 76 -7.79 -4.55 32.09
N ILE B 77 -7.87 -4.53 30.76
CA ILE B 77 -9.15 -4.38 30.06
C ILE B 77 -9.56 -5.73 29.47
N ASP B 78 -10.83 -6.11 29.66
CA ASP B 78 -11.31 -7.38 29.15
C ASP B 78 -11.84 -7.35 27.71
N ILE B 79 -12.36 -6.20 27.31
CA ILE B 79 -12.99 -6.06 26.00
C ILE B 79 -12.80 -4.65 25.44
N PHE B 80 -12.55 -4.59 24.13
CA PHE B 80 -12.30 -3.35 23.39
C PHE B 80 -13.32 -3.28 22.26
N LEU B 81 -14.06 -2.19 22.22
CA LEU B 81 -15.10 -1.99 21.20
C LEU B 81 -14.71 -0.74 20.45
N ALA B 82 -14.43 -0.86 19.16
CA ALA B 82 -14.04 0.32 18.39
C ALA B 82 -14.35 0.22 16.90
N GLY B 83 -14.28 1.37 16.24
CA GLY B 83 -14.48 1.47 14.81
C GLY B 83 -14.13 2.90 14.40
N ASP B 84 -13.77 3.10 13.13
CA ASP B 84 -13.50 4.46 12.67
C ASP B 84 -14.84 5.14 12.40
N LEU B 85 -14.90 6.44 12.65
CA LEU B 85 -16.12 7.18 12.39
C LEU B 85 -16.34 7.40 10.88
N LEU B 86 -15.26 7.51 10.13
CA LEU B 86 -15.41 7.77 8.70
C LEU B 86 -14.90 6.71 7.75
N ASN B 87 -13.86 5.97 8.16
CA ASN B 87 -13.21 5.03 7.27
C ASN B 87 -13.45 3.56 7.61
N GLN B 88 -12.83 2.66 6.84
CA GLN B 88 -13.09 1.25 7.06
C GLN B 88 -12.22 0.61 8.13
N ASN B 89 -12.33 1.15 9.33
CA ASN B 89 -11.60 0.69 10.50
C ASN B 89 -10.10 0.55 10.27
N VAL B 90 -9.57 1.45 9.45
CA VAL B 90 -8.14 1.49 9.15
C VAL B 90 -7.37 1.82 10.43
N THR B 91 -7.94 2.67 11.25
CA THR B 91 -7.31 3.03 12.52
C THR B 91 -7.64 2.01 13.63
N ALA B 92 -8.92 1.72 13.81
CA ALA B 92 -9.37 0.83 14.87
C ALA B 92 -8.70 -0.54 14.87
N ASN B 93 -8.59 -1.15 13.70
CA ASN B 93 -8.02 -2.50 13.64
C ASN B 93 -6.54 -2.54 14.01
N TYR B 94 -5.82 -1.52 13.58
CA TYR B 94 -4.39 -1.36 13.84
C TYR B 94 -4.17 -1.13 15.33
N VAL B 95 -4.98 -0.26 15.93
CA VAL B 95 -4.86 0.00 17.37
C VAL B 95 -5.23 -1.28 18.15
N ALA B 96 -6.29 -1.97 17.75
CA ALA B 96 -6.68 -3.24 18.40
C ALA B 96 -5.51 -4.22 18.36
N ARG B 97 -4.79 -4.27 17.25
CA ARG B 97 -3.64 -5.15 17.11
C ARG B 97 -2.60 -4.83 18.20
N HIS B 98 -2.28 -3.55 18.37
CA HIS B 98 -1.30 -3.15 19.38
C HIS B 98 -1.78 -3.40 20.81
N LEU B 99 -3.05 -3.13 21.08
CA LEU B 99 -3.58 -3.31 22.42
C LEU B 99 -3.67 -4.77 22.88
N LYS B 100 -3.95 -5.67 21.93
CA LYS B 100 -4.11 -7.11 22.21
C LYS B 100 -5.30 -7.44 23.12
N ILE B 101 -6.23 -6.49 23.23
CA ILE B 101 -7.41 -6.71 24.05
C ILE B 101 -8.46 -7.40 23.18
N PRO B 102 -9.20 -8.39 23.75
CA PRO B 102 -10.26 -9.09 22.97
C PRO B 102 -11.08 -7.95 22.31
N PHE B 103 -11.32 -8.11 21.01
CA PHE B 103 -11.84 -7.04 20.18
C PHE B 103 -13.14 -7.28 19.46
N LEU B 104 -14.09 -6.37 19.65
CA LEU B 104 -15.39 -6.43 18.92
C LEU B 104 -15.30 -5.28 17.91
N CYS B 105 -15.39 -5.65 16.64
CA CYS B 105 -15.10 -4.72 15.53
C CYS B 105 -16.34 -4.08 14.94
N LEU B 106 -16.55 -2.81 15.29
CA LEU B 106 -17.80 -2.10 14.93
C LEU B 106 -17.75 -1.30 13.65
N PHE B 107 -18.92 -1.02 13.09
CA PHE B 107 -18.96 -0.26 11.83
C PHE B 107 -20.25 0.53 11.70
N GLY B 108 -20.39 1.59 12.50
CA GLY B 108 -21.62 2.38 12.47
C GLY B 108 -21.47 3.78 11.92
N ALA B 109 -20.30 4.07 11.34
CA ALA B 109 -20.03 5.40 10.87
C ALA B 109 -20.18 6.29 12.10
N CYS B 110 -20.49 7.57 11.88
CA CYS B 110 -20.48 8.53 12.99
C CYS B 110 -21.27 8.18 14.22
N SER B 111 -22.14 7.18 14.12
CA SER B 111 -22.89 6.74 15.30
C SER B 111 -22.05 5.79 16.18
N THR B 112 -20.90 5.36 15.67
CA THR B 112 -20.08 4.38 16.40
C THR B 112 -19.64 4.82 17.78
N SER B 113 -19.52 6.12 17.99
CA SER B 113 -19.12 6.61 19.31
C SER B 113 -20.12 6.15 20.38
N GLU B 115 -22.52 3.69 19.69
CA GLU B 115 -22.73 2.26 19.48
C GLU B 115 -21.74 1.49 20.39
N SER B 116 -20.50 1.96 20.44
CA SER B 116 -19.45 1.31 21.21
C SER B 116 -19.68 1.38 22.71
N ILE B 117 -20.17 2.51 23.18
CA ILE B 117 -20.45 2.67 24.61
C ILE B 117 -21.69 1.87 25.01
N ALA B 118 -22.72 1.83 24.15
CA ALA B 118 -23.92 1.08 24.46
C ALA B 118 -23.61 -0.42 24.58
N ILE B 119 -22.86 -0.97 23.62
CA ILE B 119 -22.53 -2.39 23.71
C ILE B 119 -21.63 -2.66 24.91
N SER B 120 -20.63 -1.81 25.14
CA SER B 120 -19.73 -1.96 26.29
C SER B 120 -20.51 -1.97 27.60
N SER B 121 -21.48 -1.07 27.71
CA SER B 121 -22.30 -0.96 28.90
C SER B 121 -23.09 -2.25 29.14
N ALA B 122 -23.73 -2.76 28.10
CA ALA B 122 -24.49 -3.99 28.21
C ALA B 122 -23.60 -5.16 28.63
N LEU B 123 -22.38 -5.23 28.10
CA LEU B 123 -21.49 -6.32 28.43
C LEU B 123 -21.03 -6.25 29.87
N ILE B 124 -20.72 -5.06 30.35
CA ILE B 124 -20.33 -4.91 31.75
C ILE B 124 -21.52 -5.23 32.66
N ASP B 125 -22.69 -4.68 32.32
CA ASP B 125 -23.86 -4.86 33.19
C ASP B 125 -24.35 -6.30 33.22
N GLY B 126 -24.11 -7.02 32.12
CA GLY B 126 -24.50 -8.41 32.03
C GLY B 126 -23.47 -9.38 32.63
N GLY B 127 -22.31 -8.86 33.04
CA GLY B 127 -21.28 -9.68 33.63
C GLY B 127 -20.31 -10.31 32.65
N PHE B 128 -20.21 -9.75 31.44
CA PHE B 128 -19.29 -10.31 30.45
C PHE B 128 -17.90 -9.71 30.45
N ALA B 129 -17.78 -8.51 31.03
CA ALA B 129 -16.49 -7.86 31.18
C ALA B 129 -16.46 -7.07 32.48
N LYS B 130 -15.29 -7.03 33.13
CA LYS B 130 -15.10 -6.18 34.32
C LYS B 130 -14.79 -4.75 33.83
N ARG B 131 -13.85 -4.63 32.90
CA ARG B 131 -13.53 -3.34 32.33
C ARG B 131 -13.64 -3.38 30.82
N ALA B 132 -14.26 -2.35 30.25
CA ALA B 132 -14.30 -2.22 28.80
C ALA B 132 -13.60 -0.92 28.39
N LEU B 133 -13.07 -0.92 27.18
CA LEU B 133 -12.46 0.27 26.60
C LEU B 133 -13.21 0.50 25.28
N ALA B 134 -13.66 1.74 25.06
CA ALA B 134 -14.38 2.08 23.84
C ALA B 134 -13.71 3.27 23.19
N ALA B 135 -13.49 3.21 21.88
CA ALA B 135 -12.84 4.32 21.19
C ALA B 135 -13.23 4.42 19.74
N THR B 136 -13.19 5.63 19.21
CA THR B 136 -13.47 5.89 17.82
C THR B 136 -12.51 7.01 17.44
N SER B 137 -12.41 7.30 16.14
CA SER B 137 -11.53 8.34 15.67
C SER B 137 -11.97 8.88 14.31
N SER B 138 -11.50 10.07 13.97
CA SER B 138 -11.78 10.64 12.66
C SER B 138 -10.64 11.59 12.28
N HIS B 139 -10.46 11.82 10.98
CA HIS B 139 -9.42 12.74 10.52
C HIS B 139 -9.95 13.50 9.31
N ASN B 140 -9.93 14.83 9.39
CA ASN B 140 -10.45 15.65 8.32
C ASN B 140 -9.81 15.41 6.95
N ALA B 141 -8.53 15.07 6.93
CA ALA B 141 -7.83 14.83 5.68
C ALA B 141 -8.32 13.62 4.89
N THR B 142 -8.94 12.66 5.59
CA THR B 142 -9.45 11.46 4.92
C THR B 142 -10.97 11.35 5.02
N ALA B 143 -11.62 12.45 5.39
CA ALA B 143 -13.08 12.48 5.48
C ALA B 143 -13.70 12.23 4.11
N GLU B 144 -13.06 12.75 3.06
CA GLU B 144 -13.56 12.60 1.70
C GLU B 144 -13.68 11.14 1.27
N ARG B 145 -12.85 10.27 1.85
CA ARG B 145 -12.85 8.85 1.53
C ARG B 145 -14.22 8.18 1.66
N GLN B 146 -15.11 8.79 2.43
CA GLN B 146 -16.46 8.24 2.58
C GLN B 146 -17.30 8.52 1.33
N PHE B 147 -16.86 9.48 0.52
CA PHE B 147 -17.61 9.89 -0.66
C PHE B 147 -17.00 9.44 -1.98
N ARG B 148 -15.72 9.74 -2.15
CA ARG B 148 -15.01 9.42 -3.39
C ARG B 148 -13.84 8.49 -3.15
N TYR B 149 -13.49 7.71 -4.18
CA TYR B 149 -12.35 6.81 -4.08
C TYR B 149 -11.03 7.59 -4.19
N THR B 164 -15.26 18.26 9.29
CA THR B 164 -15.00 17.02 10.00
C THR B 164 -13.88 17.15 11.02
N VAL B 165 -14.18 16.78 12.26
CA VAL B 165 -13.21 16.85 13.33
C VAL B 165 -12.02 15.93 13.15
N THR B 166 -10.86 16.41 13.56
CA THR B 166 -9.65 15.61 13.53
C THR B 166 -9.36 15.26 14.99
N GLY B 167 -9.56 13.98 15.33
CA GLY B 167 -9.37 13.57 16.71
C GLY B 167 -9.94 12.20 17.06
N SER B 168 -9.79 11.84 18.33
CA SER B 168 -10.23 10.56 18.81
C SER B 168 -10.58 10.65 20.27
N GLY B 169 -11.61 9.91 20.67
CA GLY B 169 -12.00 9.87 22.06
C GLY B 169 -12.10 8.42 22.51
N ALA B 170 -11.68 8.15 23.74
CA ALA B 170 -11.78 6.81 24.28
C ALA B 170 -12.26 6.92 25.72
N VAL B 171 -12.97 5.89 26.17
CA VAL B 171 -13.42 5.80 27.54
C VAL B 171 -13.19 4.41 28.13
N VAL B 172 -12.98 4.38 29.43
CA VAL B 172 -12.81 3.14 30.20
C VAL B 172 -14.02 3.05 31.10
N LEU B 173 -14.75 1.94 31.00
CA LEU B 173 -15.98 1.76 31.75
C LEU B 173 -15.89 0.54 32.65
N SER B 174 -16.52 0.60 33.81
CA SER B 174 -16.54 -0.55 34.71
C SER B 174 -17.60 -0.31 35.77
N GLN B 175 -17.73 -1.25 36.69
CA GLN B 175 -18.68 -1.11 37.79
C GLN B 175 -18.02 -0.46 39.01
N GLN B 176 -16.72 -0.15 38.91
CA GLN B 176 -16.01 0.55 39.99
C GLN B 176 -16.46 2.03 39.93
N PRO B 177 -16.83 2.59 41.10
CA PRO B 177 -17.28 3.98 41.20
C PRO B 177 -16.41 5.03 40.54
N GLY B 178 -17.05 5.91 39.77
CA GLY B 178 -16.35 7.00 39.09
C GLY B 178 -17.17 8.29 39.16
N GLY B 179 -16.75 9.30 38.41
CA GLY B 179 -17.46 10.57 38.44
C GLY B 179 -18.74 10.62 37.63
N ILE B 180 -18.87 9.73 36.66
CA ILE B 180 -20.00 9.72 35.75
C ILE B 180 -20.67 8.35 35.69
N LYS B 181 -22.00 8.35 35.72
CA LYS B 181 -22.76 7.12 35.67
C LYS B 181 -23.37 7.00 34.29
N ILE B 182 -23.51 5.77 33.82
CA ILE B 182 -24.21 5.52 32.58
C ILE B 182 -25.47 4.77 33.05
N THR B 183 -26.65 5.31 32.74
CA THR B 183 -27.86 4.68 33.23
C THR B 183 -28.72 3.99 32.20
N SER B 184 -28.59 4.40 30.94
CA SER B 184 -29.34 3.77 29.85
C SER B 184 -28.72 4.07 28.49
N ALA B 185 -29.14 3.29 27.51
CA ALA B 185 -28.72 3.46 26.12
C ALA B 185 -29.91 3.09 25.25
N THR B 186 -30.05 3.78 24.12
CA THR B 186 -31.10 3.42 23.20
C THR B 186 -30.44 3.10 21.86
N VAL B 187 -30.76 1.94 21.32
CA VAL B 187 -30.18 1.50 20.06
C VAL B 187 -31.11 1.94 18.95
N GLY B 188 -30.54 2.60 17.94
CA GLY B 188 -31.38 3.10 16.86
C GLY B 188 -31.67 2.08 15.79
N ARG B 189 -32.69 2.35 14.98
CA ARG B 189 -32.91 1.50 13.82
C ARG B 189 -32.54 2.36 12.59
N VAL B 190 -32.27 1.73 11.45
CA VAL B 190 -31.88 2.48 10.26
C VAL B 190 -33.08 3.22 9.68
N ILE B 191 -32.90 4.50 9.39
CA ILE B 191 -33.97 5.34 8.86
C ILE B 191 -33.52 5.91 7.52
N ASP B 192 -34.35 5.76 6.49
CA ASP B 192 -34.02 6.28 5.18
C ASP B 192 -35.27 6.88 4.53
N LEU B 193 -35.31 8.21 4.46
CA LEU B 193 -36.46 8.87 3.88
C LEU B 193 -36.31 9.16 2.39
N GLY B 194 -35.44 8.37 1.75
CA GLY B 194 -35.21 8.50 0.32
C GLY B 194 -34.48 9.75 -0.11
N ILE B 195 -33.38 10.08 0.57
CA ILE B 195 -32.60 11.25 0.22
C ILE B 195 -31.36 10.85 -0.58
N THR B 196 -31.46 10.93 -1.91
CA THR B 196 -30.35 10.56 -2.79
C THR B 196 -29.27 11.64 -2.88
N ASP B 197 -29.67 12.90 -2.90
CA ASP B 197 -28.70 13.99 -2.99
C ASP B 197 -27.77 13.98 -1.77
N SER B 198 -26.50 13.66 -2.01
CA SER B 198 -25.51 13.60 -0.94
C SER B 198 -25.20 14.94 -0.29
N GLN B 199 -25.71 16.02 -0.88
CA GLN B 199 -25.48 17.36 -0.31
C GLN B 199 -26.49 17.68 0.78
N ASP B 200 -27.67 17.06 0.70
CA ASP B 200 -28.74 17.29 1.69
C ASP B 200 -28.58 16.32 2.87
N GLY B 202 -27.93 16.93 6.16
CA GLY B 202 -28.54 17.30 7.44
C GLY B 202 -29.96 16.76 7.48
N SER B 203 -30.62 16.77 6.33
CA SER B 203 -32.00 16.30 6.21
C SER B 203 -32.07 14.78 6.17
N ALA B 204 -30.93 14.13 5.91
CA ALA B 204 -30.92 12.68 5.94
C ALA B 204 -30.71 12.22 7.38
N ALA B 206 -31.05 14.00 10.35
CA ALA B 206 -31.98 14.49 11.35
C ALA B 206 -33.07 13.52 11.77
N PRO B 207 -33.74 12.86 10.80
CA PRO B 207 -34.81 11.90 11.10
C PRO B 207 -34.35 10.69 11.92
N ALA B 208 -33.10 10.29 11.71
CA ALA B 208 -32.56 9.14 12.43
C ALA B 208 -32.44 9.54 13.89
N ALA B 209 -31.90 10.73 14.12
CA ALA B 209 -31.76 11.24 15.47
C ALA B 209 -33.13 11.47 16.12
N ALA B 210 -34.10 11.93 15.33
CA ALA B 210 -35.42 12.20 15.87
C ALA B 210 -36.07 10.92 16.35
N ASP B 211 -35.97 9.88 15.53
CA ASP B 211 -36.58 8.61 15.86
C ASP B 211 -35.97 8.04 17.13
N THR B 212 -34.65 8.08 17.23
CA THR B 212 -33.99 7.52 18.42
C THR B 212 -34.33 8.31 19.68
N ILE B 213 -34.28 9.63 19.59
CA ILE B 213 -34.63 10.46 20.74
C ILE B 213 -36.10 10.21 21.18
N LYS B 214 -37.03 10.21 20.23
CA LYS B 214 -38.42 9.96 20.53
C LYS B 214 -38.62 8.60 21.21
N GLN B 215 -38.01 7.56 20.64
CA GLN B 215 -38.17 6.22 21.16
C GLN B 215 -37.54 6.08 22.54
N HIS B 216 -36.40 6.73 22.72
CA HIS B 216 -35.76 6.71 24.02
C HIS B 216 -36.70 7.28 25.10
N LEU B 217 -37.32 8.41 24.79
CA LEU B 217 -38.15 9.11 25.76
C LEU B 217 -39.40 8.32 26.06
N GLU B 218 -39.99 7.77 25.00
CA GLU B 218 -41.19 6.94 25.12
C GLU B 218 -40.87 5.68 25.94
N ASP B 219 -39.75 5.02 25.62
CA ASP B 219 -39.37 3.82 26.33
C ASP B 219 -39.17 4.04 27.83
N LEU B 220 -38.69 5.21 28.22
CA LEU B 220 -38.42 5.46 29.63
C LEU B 220 -39.50 6.25 30.32
N GLY B 221 -40.52 6.67 29.56
CA GLY B 221 -41.60 7.45 30.11
C GLY B 221 -41.11 8.84 30.53
N ARG B 222 -40.22 9.41 29.73
CA ARG B 222 -39.66 10.71 30.06
C ARG B 222 -39.92 11.77 29.00
N THR B 223 -39.57 13.02 29.33
CA THR B 223 -39.65 14.10 28.37
C THR B 223 -38.32 14.87 28.50
N PRO B 224 -38.09 15.86 27.62
CA PRO B 224 -36.83 16.61 27.72
C PRO B 224 -36.68 17.26 29.10
N ASP B 225 -37.80 17.57 29.77
CA ASP B 225 -37.73 18.19 31.10
C ASP B 225 -36.91 17.33 32.05
N ASP B 226 -36.80 16.04 31.73
CA ASP B 226 -36.06 15.10 32.56
C ASP B 226 -34.56 15.12 32.30
N TYR B 227 -34.14 15.92 31.34
CA TYR B 227 -32.73 16.02 30.97
C TYR B 227 -32.23 17.45 31.06
N ASP B 228 -30.97 17.62 31.47
CA ASP B 228 -30.39 18.96 31.53
C ASP B 228 -29.91 19.37 30.16
N LEU B 229 -29.67 18.39 29.29
CA LEU B 229 -29.19 18.66 27.96
C LEU B 229 -29.36 17.43 27.08
N ILE B 230 -29.79 17.67 25.85
CA ILE B 230 -29.91 16.61 24.84
C ILE B 230 -28.90 17.01 23.77
N LEU B 231 -27.79 16.30 23.75
CA LEU B 231 -26.70 16.62 22.86
C LEU B 231 -26.66 15.72 21.65
N THR B 232 -26.61 16.32 20.47
CA THR B 232 -26.40 15.53 19.25
C THR B 232 -24.99 15.91 18.78
N GLY B 233 -24.40 15.12 17.89
CA GLY B 233 -23.02 15.42 17.53
C GLY B 233 -22.60 15.39 16.08
N ASP B 234 -23.55 15.44 15.17
CA ASP B 234 -23.19 15.41 13.78
C ASP B 234 -24.16 16.20 12.90
N LEU B 235 -25.12 16.85 13.52
CA LEU B 235 -26.15 17.57 12.76
C LEU B 235 -25.74 18.99 12.39
N SER B 236 -24.97 19.63 13.26
CA SER B 236 -24.51 21.00 13.02
C SER B 236 -25.61 22.00 12.66
N GLY B 237 -25.22 23.04 11.93
CA GLY B 237 -26.13 24.14 11.60
C GLY B 237 -27.43 23.81 10.93
N VAL B 238 -27.35 23.02 9.86
CA VAL B 238 -28.54 22.67 9.11
C VAL B 238 -29.44 21.62 9.78
N GLY B 239 -28.81 20.55 10.25
CA GLY B 239 -29.56 19.45 10.83
C GLY B 239 -30.27 19.73 12.14
N SER B 240 -29.65 20.53 12.99
CA SER B 240 -30.24 20.87 14.29
C SER B 240 -31.66 21.44 14.23
N PRO B 241 -31.87 22.50 13.42
CA PRO B 241 -33.23 23.06 13.35
C PRO B 241 -34.25 22.01 12.95
N ILE B 242 -33.88 21.17 11.98
CA ILE B 242 -34.76 20.11 11.51
C ILE B 242 -35.08 19.13 12.62
N LEU B 243 -34.08 18.79 13.43
CA LEU B 243 -34.30 17.85 14.53
C LEU B 243 -35.38 18.39 15.46
N LYS B 244 -35.25 19.66 15.88
CA LYS B 244 -36.22 20.28 16.78
C LYS B 244 -37.63 20.24 16.19
N ASP B 245 -37.75 20.56 14.91
CA ASP B 245 -39.05 20.54 14.23
C ASP B 245 -39.65 19.14 14.16
N LEU B 246 -38.83 18.15 13.80
CA LEU B 246 -39.33 16.77 13.74
C LEU B 246 -39.84 16.31 15.10
N LEU B 247 -39.11 16.65 16.16
CA LEU B 247 -39.54 16.27 17.51
C LEU B 247 -40.83 17.00 17.88
N LYS B 248 -40.94 18.26 17.47
CA LYS B 248 -42.11 19.08 17.75
C LYS B 248 -43.36 18.39 17.21
N GLU B 249 -43.29 17.91 15.96
CA GLU B 249 -44.39 17.18 15.34
C GLU B 249 -44.79 15.93 16.14
N GLU B 250 -43.87 15.39 16.92
CA GLU B 250 -44.18 14.21 17.74
C GLU B 250 -44.63 14.63 19.13
N GLY B 251 -44.89 15.92 19.32
CA GLY B 251 -45.29 16.41 20.63
C GLY B 251 -44.11 16.42 21.59
N ILE B 252 -42.90 16.47 21.05
CA ILE B 252 -41.71 16.53 21.87
C ILE B 252 -41.07 17.91 21.72
N ASN B 253 -41.07 18.67 22.81
CA ASN B 253 -40.50 20.01 22.82
C ASN B 253 -39.19 20.05 23.60
N VAL B 254 -38.08 20.14 22.88
CA VAL B 254 -36.77 20.16 23.54
C VAL B 254 -36.46 21.54 24.08
N GLY B 255 -37.21 22.53 23.60
CA GLY B 255 -37.02 23.90 24.06
C GLY B 255 -35.59 24.34 23.83
N THR B 256 -34.93 24.78 24.88
CA THR B 256 -33.54 25.24 24.78
C THR B 256 -32.58 24.15 25.27
N LYS B 257 -33.12 22.96 25.48
CA LYS B 257 -32.37 21.84 26.05
C LYS B 257 -31.45 21.14 25.05
N HIS B 258 -31.68 21.39 23.78
CA HIS B 258 -30.86 20.76 22.75
C HIS B 258 -29.65 21.57 22.33
N ASN B 259 -28.55 20.89 22.04
CA ASN B 259 -27.38 21.56 21.49
C ASN B 259 -26.60 20.53 20.65
N ASP B 260 -25.84 21.00 19.67
CA ASP B 260 -25.04 20.08 18.85
C ASP B 260 -23.57 20.36 19.08
N CYS B 261 -22.78 19.30 19.24
CA CYS B 261 -21.36 19.45 19.52
C CYS B 261 -20.64 20.23 18.44
N GLY B 262 -21.13 20.12 17.21
CA GLY B 262 -20.50 20.78 16.07
C GLY B 262 -20.58 22.30 16.11
N LEU B 263 -21.39 22.81 17.02
CA LEU B 263 -21.53 24.26 17.19
C LEU B 263 -20.76 24.66 18.44
N ILE B 265 -17.43 23.08 19.14
CA ILE B 265 -16.01 22.79 19.01
C ILE B 265 -15.20 23.78 18.20
N TYR B 266 -15.87 24.50 17.31
CA TYR B 266 -15.21 25.51 16.51
C TYR B 266 -15.80 26.90 16.73
N THR B 267 -15.00 27.93 16.56
CA THR B 267 -15.50 29.30 16.69
C THR B 267 -16.30 29.64 15.41
N PRO B 268 -17.00 30.79 15.42
CA PRO B 268 -17.75 31.17 14.21
C PRO B 268 -16.69 31.47 13.12
N ASP B 269 -16.74 30.72 12.02
CA ASP B 269 -15.80 30.84 10.89
C ASP B 269 -15.40 29.46 10.39
N CYS B 279 -19.46 15.78 10.66
CA CYS B 279 -18.71 16.51 11.70
C CYS B 279 -17.94 15.58 12.64
N ALA B 280 -18.61 14.52 13.10
CA ALA B 280 -17.95 13.50 13.92
C ALA B 280 -17.37 13.99 15.22
N CYS B 281 -18.05 14.92 15.87
CA CYS B 281 -17.51 15.48 17.11
C CYS B 281 -18.20 15.00 18.39
N SER B 282 -19.15 14.09 18.26
CA SER B 282 -19.89 13.61 19.42
C SER B 282 -18.98 13.13 20.54
N ALA B 283 -18.05 12.23 20.21
CA ALA B 283 -17.20 11.67 21.23
C ALA B 283 -16.27 12.64 21.92
N VAL B 284 -15.46 13.36 21.15
CA VAL B 284 -14.49 14.26 21.77
C VAL B 284 -15.13 15.38 22.56
N VAL B 285 -16.28 15.89 22.09
CA VAL B 285 -16.93 16.97 22.82
C VAL B 285 -17.52 16.41 24.10
N THR B 286 -18.21 15.28 23.98
CA THR B 286 -18.79 14.68 25.14
C THR B 286 -17.76 14.37 26.21
N PHE B 287 -16.68 13.69 25.81
CA PHE B 287 -15.66 13.27 26.76
C PHE B 287 -14.88 14.43 27.36
N ALA B 288 -14.47 15.36 26.53
CA ALA B 288 -13.65 16.47 26.97
C ALA B 288 -14.38 17.61 27.67
N HIS B 289 -15.62 17.84 27.26
CA HIS B 289 -16.38 18.96 27.78
C HIS B 289 -17.57 18.56 28.64
N ILE B 290 -18.49 17.81 28.06
CA ILE B 290 -19.68 17.42 28.79
C ILE B 290 -19.38 16.67 30.08
N PHE B 291 -18.44 15.73 30.02
CA PHE B 291 -18.06 14.98 31.21
C PHE B 291 -17.52 15.92 32.29
N LYS B 292 -16.74 16.94 31.91
CA LYS B 292 -16.21 17.87 32.90
C LYS B 292 -17.37 18.64 33.55
N GLU B 293 -18.35 19.03 32.73
CA GLU B 293 -19.53 19.73 33.25
C GLU B 293 -20.31 18.87 34.25
N ILE B 294 -20.49 17.58 33.94
CA ILE B 294 -21.21 16.69 34.86
C ILE B 294 -20.44 16.49 36.17
N GLU B 295 -19.14 16.19 36.05
CA GLU B 295 -18.30 16.00 37.23
C GLU B 295 -18.28 17.22 38.13
N ALA B 296 -18.34 18.41 37.52
CA ALA B 296 -18.29 19.66 38.27
C ALA B 296 -19.64 19.99 38.90
N GLY B 297 -20.67 19.24 38.52
CA GLY B 297 -21.99 19.48 39.06
C GLY B 297 -22.83 20.50 38.32
N ARG B 298 -22.38 20.93 37.14
CA ARG B 298 -23.14 21.91 36.36
C ARG B 298 -24.14 21.24 35.42
N LEU B 299 -24.03 19.92 35.28
CA LEU B 299 -25.01 19.14 34.52
C LEU B 299 -25.27 17.86 35.30
N ASN B 300 -26.52 17.42 35.37
CA ASN B 300 -26.80 16.22 36.13
C ASN B 300 -27.18 15.00 35.31
N ARG B 301 -27.90 15.21 34.21
CA ARG B 301 -28.28 14.11 33.32
C ARG B 301 -28.32 14.59 31.88
N VAL B 302 -27.55 13.92 31.03
CA VAL B 302 -27.44 14.28 29.65
C VAL B 302 -27.66 13.10 28.74
N LEU B 303 -28.50 13.31 27.73
CA LEU B 303 -28.71 12.30 26.71
C LEU B 303 -27.81 12.70 25.51
N VAL B 304 -26.91 11.80 25.12
CA VAL B 304 -26.03 12.05 23.98
C VAL B 304 -26.41 11.11 22.82
N VAL B 305 -26.63 11.71 21.67
CA VAL B 305 -27.05 10.95 20.51
C VAL B 305 -26.08 11.14 19.35
N ALA B 306 -25.44 10.06 18.93
CA ALA B 306 -24.53 10.13 17.80
C ALA B 306 -25.22 9.57 16.57
N THR B 307 -25.15 10.31 15.47
CA THR B 307 -25.81 9.91 14.24
C THR B 307 -24.82 9.69 13.11
N GLY B 308 -25.06 8.66 12.34
CA GLY B 308 -24.18 8.34 11.24
C GLY B 308 -24.87 8.19 9.90
N ALA B 309 -24.27 8.78 8.88
CA ALA B 309 -24.78 8.62 7.51
C ALA B 309 -24.08 7.34 6.99
N LEU B 310 -24.85 6.40 6.49
CA LEU B 310 -24.28 5.13 6.04
C LEU B 310 -24.05 5.10 4.55
N LEU B 311 -22.93 5.67 4.12
CA LEU B 311 -22.65 5.73 2.70
C LEU B 311 -21.27 5.21 2.32
N SER B 312 -20.97 5.28 1.04
CA SER B 312 -19.67 4.87 0.53
C SER B 312 -19.62 5.36 -0.92
N PRO B 313 -18.42 5.38 -1.50
CA PRO B 313 -18.31 5.82 -2.91
C PRO B 313 -19.33 5.04 -3.74
N THR B 314 -19.44 3.73 -3.48
CA THR B 314 -20.38 2.88 -4.20
C THR B 314 -21.81 3.40 -4.06
N ILE B 315 -22.19 3.77 -2.84
CA ILE B 315 -23.52 4.31 -2.57
C ILE B 315 -23.74 5.62 -3.35
N ILE B 316 -22.77 6.53 -3.27
CA ILE B 316 -22.85 7.81 -3.98
C ILE B 316 -22.89 7.58 -5.50
N GLN B 317 -21.96 6.77 -6.00
CA GLN B 317 -21.91 6.46 -7.42
C GLN B 317 -23.31 6.19 -7.99
N GLN B 318 -23.96 5.18 -7.43
CA GLN B 318 -25.28 4.76 -7.91
C GLN B 318 -26.42 5.69 -7.49
N LYS B 319 -26.07 6.78 -6.82
CA LYS B 319 -27.06 7.75 -6.34
C LYS B 319 -28.25 7.09 -5.65
N GLU B 320 -27.96 6.16 -4.75
CA GLU B 320 -29.00 5.51 -3.98
C GLU B 320 -29.38 6.41 -2.78
N SER B 321 -30.48 6.09 -2.12
CA SER B 321 -30.88 6.84 -0.93
C SER B 321 -29.81 6.64 0.16
N ILE B 322 -29.73 7.60 1.07
CA ILE B 322 -28.71 7.56 2.11
C ILE B 322 -29.26 7.26 3.48
N PRO B 323 -29.25 5.98 3.88
CA PRO B 323 -29.75 5.57 5.19
C PRO B 323 -28.90 6.10 6.33
N CYS B 324 -29.53 6.43 7.46
CA CYS B 324 -28.81 6.95 8.61
C CYS B 324 -29.26 6.24 9.88
N ILE B 325 -28.42 6.27 10.91
CA ILE B 325 -28.80 5.63 12.17
C ILE B 325 -28.26 6.43 13.35
N ALA B 326 -29.01 6.45 14.45
CA ALA B 326 -28.60 7.19 15.63
C ALA B 326 -28.69 6.34 16.88
N HIS B 327 -27.66 6.39 17.72
CA HIS B 327 -27.66 5.64 18.98
C HIS B 327 -27.48 6.65 20.10
N GLY B 328 -28.11 6.37 21.23
CA GLY B 328 -28.05 7.28 22.36
C GLY B 328 -27.62 6.64 23.65
N VAL B 329 -26.96 7.43 24.49
CA VAL B 329 -26.52 6.98 25.81
C VAL B 329 -26.83 8.08 26.83
N VAL B 330 -27.30 7.71 28.00
CA VAL B 330 -27.57 8.69 29.06
C VAL B 330 -26.47 8.67 30.11
N PHE B 331 -25.80 9.81 30.29
CA PHE B 331 -24.75 9.94 31.29
C PHE B 331 -25.30 10.79 32.44
N GLU B 332 -24.87 10.51 33.67
CA GLU B 332 -25.35 11.27 34.82
C GLU B 332 -24.24 11.47 35.84
N ARG B 333 -24.46 12.42 36.73
CA ARG B 333 -23.51 12.70 37.78
C ARG B 333 -23.64 11.59 38.83
N ALA B 334 -22.52 11.07 39.28
CA ALA B 334 -22.56 10.06 40.35
C ALA B 334 -22.90 10.76 41.68
N LYS C 2 -20.11 -13.76 34.12
CA LYS C 2 -20.29 -14.77 33.09
C LYS C 2 -18.95 -15.02 32.39
N LEU C 3 -18.05 -14.04 32.43
CA LEU C 3 -16.74 -14.21 31.83
C LEU C 3 -15.97 -15.25 32.63
N THR C 4 -15.47 -16.26 31.94
CA THR C 4 -14.64 -17.31 32.54
C THR C 4 -13.24 -17.22 31.91
N GLY C 5 -12.21 -17.20 32.75
CA GLY C 5 -10.86 -17.04 32.23
C GLY C 5 -10.72 -15.66 31.60
N LYS C 6 -9.92 -15.58 30.54
CA LYS C 6 -9.63 -14.31 29.89
C LYS C 6 -10.62 -13.78 28.85
N GLN C 7 -11.17 -14.70 28.06
CA GLN C 7 -11.95 -14.27 26.90
C GLN C 7 -13.19 -15.08 26.63
N THR C 8 -13.64 -15.86 27.59
CA THR C 8 -14.76 -16.74 27.32
C THR C 8 -16.04 -16.43 28.06
N TRP C 9 -17.11 -16.21 27.31
CA TRP C 9 -18.42 -15.93 27.87
C TRP C 9 -19.18 -17.22 28.10
N GLU C 10 -19.41 -17.54 29.37
CA GLU C 10 -20.14 -18.76 29.75
C GLU C 10 -21.58 -18.35 30.07
N PHE C 11 -22.51 -18.67 29.17
CA PHE C 11 -23.89 -18.20 29.35
C PHE C 11 -24.59 -18.92 30.47
N GLU C 12 -25.41 -18.19 31.21
CA GLU C 12 -26.03 -18.75 32.42
C GLU C 12 -27.50 -19.06 32.35
N ASN C 13 -28.12 -18.68 31.25
CA ASN C 13 -29.54 -18.95 31.05
C ASN C 13 -29.71 -19.76 29.76
N PRO C 14 -30.86 -20.45 29.61
CA PRO C 14 -31.13 -21.24 28.39
C PRO C 14 -30.89 -20.30 27.19
N LEU C 15 -30.21 -20.80 26.16
CA LEU C 15 -29.89 -20.00 24.97
C LEU C 15 -29.87 -20.98 23.80
N PHE C 16 -30.65 -20.67 22.78
CA PHE C 16 -30.79 -21.57 21.65
C PHE C 16 -30.77 -20.92 20.29
N VAL C 17 -30.35 -21.70 19.30
CA VAL C 17 -30.49 -21.31 17.91
C VAL C 17 -31.90 -21.89 17.60
N ASN C 18 -32.90 -21.03 17.43
CA ASN C 18 -34.24 -21.51 17.11
C ASN C 18 -34.37 -21.90 15.66
N SER C 19 -33.69 -21.17 14.78
CA SER C 19 -33.73 -21.46 13.36
C SER C 19 -32.61 -20.74 12.63
N SER C 20 -32.34 -21.18 11.41
CA SER C 20 -31.35 -20.52 10.60
C SER C 20 -31.79 -20.56 9.14
N GLY C 21 -31.19 -19.70 8.33
CA GLY C 21 -31.51 -19.65 6.92
C GLY C 21 -30.26 -19.43 6.12
N THR C 22 -30.21 -20.02 4.92
CA THR C 22 -29.05 -19.85 4.06
C THR C 22 -29.51 -19.71 2.62
N ALA C 23 -28.81 -18.86 1.88
CA ALA C 23 -29.11 -18.64 0.46
C ALA C 23 -27.77 -18.52 -0.25
N VAL C 24 -27.59 -19.31 -1.32
CA VAL C 24 -26.33 -19.32 -2.05
C VAL C 24 -26.45 -19.22 -3.56
N GLY C 25 -25.31 -18.98 -4.20
CA GLY C 25 -25.19 -18.90 -5.65
C GLY C 25 -24.98 -20.28 -6.25
N PRO C 26 -24.75 -20.35 -7.58
CA PRO C 26 -24.51 -21.60 -8.31
C PRO C 26 -23.32 -22.45 -7.93
N LYS C 27 -22.18 -21.82 -7.68
CA LYS C 27 -21.00 -22.60 -7.33
C LYS C 27 -21.28 -23.38 -6.03
N GLU C 28 -21.88 -22.71 -5.05
CA GLU C 28 -22.22 -23.40 -3.81
C GLU C 28 -23.32 -24.42 -4.08
N LYS C 29 -24.25 -24.08 -4.96
CA LYS C 29 -25.36 -24.98 -5.27
C LYS C 29 -24.87 -26.31 -5.83
N GLU C 30 -23.84 -26.26 -6.67
CA GLU C 30 -23.32 -27.47 -7.31
C GLU C 30 -22.36 -28.28 -6.43
N GLY C 31 -21.89 -27.65 -5.36
CA GLY C 31 -20.98 -28.32 -4.45
C GLY C 31 -21.66 -29.42 -3.64
N PRO C 32 -20.87 -30.12 -2.81
CA PRO C 32 -21.27 -31.23 -1.92
C PRO C 32 -22.43 -30.92 -0.98
N LEU C 33 -22.58 -29.66 -0.58
CA LEU C 33 -23.63 -29.26 0.37
C LEU C 33 -24.85 -28.62 -0.31
N GLY C 34 -24.79 -28.54 -1.63
CA GLY C 34 -25.80 -27.83 -2.40
C GLY C 34 -27.24 -27.98 -2.01
N HIS C 35 -27.62 -29.22 -1.74
CA HIS C 35 -29.01 -29.52 -1.41
C HIS C 35 -29.41 -29.08 -0.02
N LEU C 36 -28.44 -28.70 0.79
CA LEU C 36 -28.71 -28.35 2.19
C LEU C 36 -29.07 -26.91 2.44
N PHE C 37 -28.73 -26.03 1.51
CA PHE C 37 -29.03 -24.62 1.67
C PHE C 37 -30.54 -24.43 1.44
N ASP C 38 -31.15 -23.47 2.13
CA ASP C 38 -32.60 -23.26 2.00
C ASP C 38 -33.00 -22.69 0.64
N LYS C 39 -32.15 -21.83 0.09
CA LYS C 39 -32.39 -21.23 -1.22
C LYS C 39 -31.09 -21.25 -2.02
N SER C 40 -31.20 -21.55 -3.32
CA SER C 40 -30.01 -21.52 -4.19
C SER C 40 -30.40 -20.97 -5.56
N TYR C 41 -29.47 -20.28 -6.21
CA TYR C 41 -29.71 -19.65 -7.50
C TYR C 41 -28.80 -20.16 -8.60
N ASP C 42 -29.39 -20.50 -9.74
CA ASP C 42 -28.65 -21.03 -10.88
C ASP C 42 -27.67 -20.02 -11.49
N GLU C 43 -27.89 -18.74 -11.23
CA GLU C 43 -26.98 -17.72 -11.73
C GLU C 43 -26.65 -16.70 -10.65
N HIS C 45 -26.48 -13.61 -10.42
CA HIS C 45 -27.27 -12.39 -10.27
C HIS C 45 -28.48 -12.64 -9.36
N CYS C 46 -28.79 -13.91 -9.12
CA CYS C 46 -29.90 -14.30 -8.27
C CYS C 46 -31.22 -13.62 -8.66
N ASN C 47 -31.37 -13.39 -9.96
CA ASN C 47 -32.58 -12.79 -10.52
C ASN C 47 -32.68 -11.28 -10.26
N GLN C 48 -31.54 -10.62 -10.12
CA GLN C 48 -31.52 -9.18 -9.82
C GLN C 48 -30.80 -8.32 -10.84
N LYS C 49 -31.05 -7.02 -10.79
CA LYS C 49 -30.46 -6.05 -11.73
C LYS C 49 -28.94 -6.00 -11.73
N ASN C 50 -28.36 -6.07 -10.54
CA ASN C 50 -26.92 -5.97 -10.38
C ASN C 50 -26.41 -6.80 -9.21
N TRP C 51 -25.11 -6.72 -8.93
CA TRP C 51 -24.53 -7.50 -7.83
C TRP C 51 -25.02 -6.99 -6.47
N GLU C 52 -25.19 -5.68 -6.34
CA GLU C 52 -25.70 -5.06 -5.12
C GLU C 52 -27.03 -5.69 -4.71
N ALA C 54 -28.30 -8.33 -5.79
CA ALA C 54 -28.14 -9.78 -5.68
C ALA C 54 -27.77 -10.17 -4.24
N GLU C 55 -26.74 -9.54 -3.68
CA GLU C 55 -26.34 -9.85 -2.30
C GLU C 55 -27.41 -9.44 -1.30
N ARG C 56 -28.12 -8.37 -1.61
CA ARG C 56 -29.19 -7.91 -0.74
C ARG C 56 -30.27 -8.96 -0.70
N LYS C 57 -30.53 -9.58 -1.86
CA LYS C 57 -31.56 -10.59 -2.00
C LYS C 57 -31.13 -11.85 -1.26
N LEU C 58 -29.85 -12.20 -1.37
CA LEU C 58 -29.33 -13.37 -0.67
C LEU C 58 -29.55 -13.23 0.85
N GLU C 60 -31.70 -11.17 2.42
CA GLU C 60 -33.14 -11.14 2.70
C GLU C 60 -33.71 -12.56 2.68
N ASP C 61 -33.29 -13.36 1.69
CA ASP C 61 -33.70 -14.76 1.61
C ASP C 61 -33.35 -15.52 2.90
N ALA C 62 -32.12 -15.37 3.38
CA ALA C 62 -31.68 -16.10 4.57
C ALA C 62 -32.47 -15.68 5.81
N VAL C 63 -32.62 -14.38 6.01
CA VAL C 63 -33.39 -13.87 7.14
C VAL C 63 -34.85 -14.36 7.07
N GLN C 64 -35.51 -14.22 5.91
CA GLN C 64 -36.90 -14.70 5.79
C GLN C 64 -36.98 -16.19 6.07
N SER C 65 -35.99 -16.94 5.58
CA SER C 65 -35.93 -18.38 5.83
C SER C 65 -35.95 -18.64 7.36
N ALA C 66 -34.97 -18.08 8.08
CA ALA C 66 -34.92 -18.22 9.53
C ALA C 66 -36.23 -17.76 10.21
N LEU C 67 -36.79 -16.63 9.78
CA LEU C 67 -38.01 -16.14 10.41
C LEU C 67 -39.21 -17.08 10.19
N SER C 68 -39.36 -17.57 8.97
CA SER C 68 -40.47 -18.47 8.61
C SER C 68 -40.48 -19.79 9.35
N LYS C 69 -39.31 -20.43 9.43
CA LYS C 69 -39.23 -21.72 10.12
C LYS C 69 -39.67 -21.60 11.58
N GLN C 70 -39.63 -20.39 12.12
CA GLN C 70 -40.06 -20.19 13.50
C GLN C 70 -41.35 -19.38 13.55
N ASN C 71 -41.95 -19.15 12.38
CA ASN C 71 -43.17 -18.37 12.25
C ASN C 71 -43.08 -17.04 12.99
N LEU C 72 -42.05 -16.27 12.65
CA LEU C 72 -41.83 -14.98 13.28
C LEU C 72 -41.96 -13.86 12.28
N LYS C 73 -42.20 -12.66 12.79
CA LYS C 73 -42.27 -11.46 11.98
C LYS C 73 -41.08 -10.61 12.39
N LYS C 74 -40.62 -9.73 11.52
CA LYS C 74 -39.49 -8.88 11.86
C LYS C 74 -39.72 -8.18 13.20
N GLU C 75 -40.97 -7.81 13.49
CA GLU C 75 -41.31 -7.12 14.73
C GLU C 75 -41.09 -7.98 15.96
N ASP C 76 -40.96 -9.29 15.75
CA ASP C 76 -40.72 -10.22 16.85
C ASP C 76 -39.24 -10.25 17.28
N ILE C 77 -38.37 -9.56 16.53
CA ILE C 77 -36.95 -9.54 16.86
C ILE C 77 -36.56 -8.22 17.55
N ASP C 78 -35.77 -8.28 18.62
CA ASP C 78 -35.39 -7.07 19.34
C ASP C 78 -34.11 -6.40 18.89
N ILE C 79 -33.18 -7.21 18.39
CA ILE C 79 -31.87 -6.70 18.00
C ILE C 79 -31.34 -7.47 16.80
N PHE C 80 -30.62 -6.76 15.94
CA PHE C 80 -30.08 -7.32 14.71
C PHE C 80 -28.59 -7.06 14.65
N LEU C 81 -27.80 -8.13 14.64
CA LEU C 81 -26.33 -8.00 14.54
C LEU C 81 -25.88 -8.51 13.19
N ALA C 82 -25.24 -7.63 12.41
CA ALA C 82 -24.82 -8.00 11.06
C ALA C 82 -23.72 -7.13 10.51
N GLY C 83 -23.12 -7.63 9.43
CA GLY C 83 -22.09 -6.90 8.70
C GLY C 83 -21.96 -7.56 7.34
N ASP C 84 -21.45 -6.84 6.33
CA ASP C 84 -21.24 -7.38 4.99
C ASP C 84 -19.73 -7.45 4.79
N LEU C 85 -19.27 -8.44 4.03
CA LEU C 85 -17.83 -8.58 3.81
C LEU C 85 -17.21 -7.33 3.19
N LEU C 86 -17.96 -6.65 2.34
CA LEU C 86 -17.45 -5.47 1.66
C LEU C 86 -17.27 -4.21 2.49
N ASN C 87 -18.07 -4.04 3.53
CA ASN C 87 -17.96 -2.82 4.34
C ASN C 87 -18.11 -1.54 3.52
N GLN C 88 -19.02 -1.58 2.56
CA GLN C 88 -19.33 -0.41 1.74
C GLN C 88 -20.76 0.05 2.01
N ASN C 89 -21.36 -0.49 3.08
CA ASN C 89 -22.70 -0.09 3.53
C ASN C 89 -23.85 -0.41 2.59
N VAL C 90 -23.66 -1.41 1.74
CA VAL C 90 -24.66 -1.77 0.75
C VAL C 90 -25.69 -2.82 1.14
N THR C 91 -25.24 -3.90 1.76
CA THR C 91 -26.16 -4.99 2.06
C THR C 91 -26.83 -4.97 3.42
N ALA C 92 -26.05 -5.19 4.48
CA ALA C 92 -26.61 -5.24 5.83
C ALA C 92 -27.47 -4.04 6.23
N ASN C 93 -27.01 -2.82 5.91
CA ASN C 93 -27.77 -1.60 6.22
C ASN C 93 -29.13 -1.58 5.52
N TYR C 94 -29.13 -2.03 4.27
CA TYR C 94 -30.32 -2.07 3.45
C TYR C 94 -31.33 -3.05 4.02
N VAL C 95 -30.84 -4.23 4.41
CA VAL C 95 -31.71 -5.24 4.96
C VAL C 95 -32.23 -4.79 6.34
N ALA C 96 -31.35 -4.18 7.13
CA ALA C 96 -31.76 -3.71 8.45
C ALA C 96 -32.85 -2.64 8.34
N ARG C 97 -32.72 -1.74 7.37
CA ARG C 97 -33.72 -0.69 7.22
C ARG C 97 -35.08 -1.29 6.92
N HIS C 98 -35.11 -2.28 6.02
CA HIS C 98 -36.36 -2.94 5.69
C HIS C 98 -36.95 -3.72 6.87
N LEU C 99 -36.10 -4.37 7.68
CA LEU C 99 -36.58 -5.15 8.83
C LEU C 99 -37.06 -4.26 9.96
N LYS C 100 -36.54 -3.04 10.02
CA LYS C 100 -36.84 -2.06 11.06
C LYS C 100 -36.41 -2.49 12.47
N ILE C 101 -35.54 -3.47 12.55
CA ILE C 101 -35.04 -3.92 13.85
C ILE C 101 -33.86 -3.09 14.33
N PRO C 102 -33.83 -2.75 15.64
CA PRO C 102 -32.71 -1.96 16.21
C PRO C 102 -31.42 -2.70 15.76
N PHE C 103 -30.50 -1.92 15.20
CA PHE C 103 -29.38 -2.49 14.48
C PHE C 103 -28.02 -2.12 14.95
N LEU C 104 -27.19 -3.13 15.16
CA LEU C 104 -25.82 -2.90 15.60
C LEU C 104 -24.95 -3.46 14.48
N CYS C 105 -24.34 -2.55 13.73
CA CYS C 105 -23.55 -2.96 12.58
C CYS C 105 -22.11 -3.29 12.93
N LEU C 106 -21.65 -4.42 12.41
CA LEU C 106 -20.29 -4.89 12.68
C LEU C 106 -19.44 -4.75 11.45
N PHE C 107 -18.13 -4.65 11.65
CA PHE C 107 -17.21 -4.54 10.52
C PHE C 107 -17.16 -5.94 9.92
N GLY C 108 -17.33 -6.02 8.60
CA GLY C 108 -17.38 -7.31 7.96
C GLY C 108 -16.05 -7.98 7.75
N ALA C 109 -16.01 -9.29 8.01
CA ALA C 109 -14.82 -10.11 7.83
C ALA C 109 -15.31 -11.55 7.92
N CYS C 110 -14.48 -12.52 7.56
CA CYS C 110 -14.91 -13.91 7.63
C CYS C 110 -15.19 -14.35 9.08
N SER C 111 -14.76 -13.56 10.05
CA SER C 111 -14.99 -13.91 11.45
C SER C 111 -16.31 -13.33 11.99
N THR C 112 -16.97 -12.48 11.20
CA THR C 112 -18.22 -11.87 11.66
C THR C 112 -19.38 -12.83 11.94
N SER C 113 -19.39 -13.98 11.27
CA SER C 113 -20.45 -14.96 11.47
C SER C 113 -20.53 -15.39 12.94
N GLU C 115 -18.82 -13.65 15.45
CA GLU C 115 -18.86 -12.44 16.27
C GLU C 115 -20.30 -11.98 16.49
N SER C 116 -21.10 -11.96 15.42
CA SER C 116 -22.50 -11.54 15.51
C SER C 116 -23.31 -12.42 16.45
N ILE C 117 -23.06 -13.73 16.41
CA ILE C 117 -23.75 -14.67 17.28
C ILE C 117 -23.27 -14.51 18.73
N ALA C 118 -21.97 -14.28 18.90
CA ALA C 118 -21.41 -14.10 20.25
C ALA C 118 -22.05 -12.89 20.95
N ILE C 119 -22.11 -11.76 20.25
CA ILE C 119 -22.70 -10.55 20.84
C ILE C 119 -24.20 -10.71 21.06
N SER C 120 -24.89 -11.30 20.09
CA SER C 120 -26.32 -11.54 20.22
C SER C 120 -26.60 -12.38 21.46
N SER C 121 -25.79 -13.41 21.65
CA SER C 121 -25.93 -14.33 22.77
C SER C 121 -25.74 -13.62 24.10
N ALA C 122 -24.76 -12.74 24.15
CA ALA C 122 -24.51 -11.99 25.38
C ALA C 122 -25.68 -11.05 25.66
N LEU C 123 -26.26 -10.44 24.61
CA LEU C 123 -27.39 -9.53 24.84
C LEU C 123 -28.62 -10.27 25.34
N ILE C 124 -28.87 -11.45 24.78
CA ILE C 124 -30.02 -12.26 25.22
C ILE C 124 -29.80 -12.78 26.64
N ASP C 125 -28.61 -13.31 26.89
CA ASP C 125 -28.31 -13.87 28.20
C ASP C 125 -28.27 -12.82 29.30
N GLY C 126 -27.93 -11.60 28.92
CA GLY C 126 -27.88 -10.51 29.88
C GLY C 126 -29.22 -9.80 30.05
N GLY C 127 -30.23 -10.22 29.29
CA GLY C 127 -31.57 -9.66 29.41
C GLY C 127 -31.88 -8.40 28.64
N PHE C 128 -31.08 -8.14 27.60
CA PHE C 128 -31.25 -6.93 26.80
C PHE C 128 -32.05 -7.14 25.55
N ALA C 129 -32.34 -8.40 25.26
CA ALA C 129 -33.11 -8.76 24.09
C ALA C 129 -33.76 -10.11 24.33
N LYS C 130 -34.99 -10.28 23.84
CA LYS C 130 -35.71 -11.55 23.97
C LYS C 130 -35.34 -12.42 22.78
N ARG C 131 -35.32 -11.81 21.60
CA ARG C 131 -34.85 -12.52 20.42
C ARG C 131 -33.86 -11.66 19.65
N ALA C 132 -32.87 -12.32 19.05
CA ALA C 132 -31.88 -11.65 18.23
C ALA C 132 -31.80 -12.31 16.87
N LEU C 133 -31.43 -11.50 15.88
CA LEU C 133 -31.20 -11.97 14.53
C LEU C 133 -29.74 -11.62 14.20
N ALA C 134 -29.00 -12.58 13.64
CA ALA C 134 -27.61 -12.33 13.26
C ALA C 134 -27.42 -12.82 11.82
N ALA C 135 -26.72 -12.04 11.01
CA ALA C 135 -26.53 -12.40 9.61
C ALA C 135 -25.28 -11.78 9.02
N THR C 136 -24.75 -12.44 7.98
CA THR C 136 -23.62 -11.93 7.24
C THR C 136 -23.88 -12.35 5.79
N SER C 137 -23.15 -11.76 4.86
CA SER C 137 -23.26 -12.15 3.46
C SER C 137 -22.00 -11.72 2.70
N SER C 138 -21.85 -12.28 1.50
CA SER C 138 -20.75 -11.91 0.61
C SER C 138 -21.13 -12.33 -0.80
N HIS C 139 -20.48 -11.76 -1.81
CA HIS C 139 -20.78 -12.10 -3.20
C HIS C 139 -19.49 -12.16 -3.99
N ASN C 140 -19.24 -13.30 -4.63
CA ASN C 140 -17.98 -13.48 -5.34
C ASN C 140 -17.65 -12.43 -6.38
N ALA C 141 -18.68 -11.86 -6.99
CA ALA C 141 -18.47 -10.85 -8.02
C ALA C 141 -17.94 -9.52 -7.50
N THR C 142 -18.10 -9.24 -6.22
CA THR C 142 -17.68 -7.94 -5.70
C THR C 142 -16.70 -8.03 -4.54
N ALA C 143 -16.47 -9.25 -4.07
CA ALA C 143 -15.58 -9.45 -2.93
C ALA C 143 -14.17 -8.97 -3.19
N GLU C 144 -13.75 -8.99 -4.45
CA GLU C 144 -12.39 -8.55 -4.74
C GLU C 144 -12.19 -7.09 -4.37
N ARG C 145 -13.30 -6.38 -4.16
CA ARG C 145 -13.24 -4.97 -3.83
C ARG C 145 -12.77 -4.69 -2.42
N GLN C 146 -12.64 -5.74 -1.61
CA GLN C 146 -12.10 -5.57 -0.26
C GLN C 146 -10.62 -5.21 -0.37
N PHE C 147 -9.99 -5.68 -1.44
CA PHE C 147 -8.55 -5.60 -1.59
C PHE C 147 -8.03 -4.52 -2.50
N ARG C 148 -8.92 -3.87 -3.23
CA ARG C 148 -8.48 -2.87 -4.19
C ARG C 148 -9.54 -1.86 -4.60
N TYR C 149 -9.08 -0.75 -5.15
CA TYR C 149 -9.95 0.26 -5.74
C TYR C 149 -9.94 0.03 -7.26
N PRO C 150 -10.97 0.53 -7.98
CA PRO C 150 -11.02 0.38 -9.44
C PRO C 150 -9.81 1.10 -10.05
N THR C 151 -9.31 0.58 -11.18
CA THR C 151 -8.18 1.18 -11.88
C THR C 151 -8.47 2.67 -12.16
N GLU C 152 -9.70 2.99 -12.56
CA GLU C 152 -10.10 4.36 -12.83
C GLU C 152 -9.76 5.34 -11.69
N TYR C 153 -9.82 4.86 -10.45
CA TYR C 153 -9.56 5.74 -9.33
C TYR C 153 -8.23 5.47 -8.63
N GLY C 154 -7.26 5.02 -9.42
CA GLY C 154 -5.92 4.81 -8.90
C GLY C 154 -5.69 3.50 -8.20
N GLY C 155 -6.58 2.55 -8.44
CA GLY C 155 -6.43 1.25 -7.80
C GLY C 155 -5.38 0.40 -8.49
N GLN C 156 -4.91 -0.63 -7.78
CA GLN C 156 -3.91 -1.55 -8.32
C GLN C 156 -4.25 -2.98 -7.95
N LYS C 157 -4.02 -3.91 -8.86
CA LYS C 157 -4.30 -5.30 -8.56
C LYS C 157 -3.34 -5.78 -7.47
N PRO C 158 -3.86 -6.29 -6.38
CA PRO C 158 -3.06 -6.79 -5.26
C PRO C 158 -2.39 -8.11 -5.56
N GLY C 159 -2.91 -8.72 -6.61
CA GLY C 159 -2.56 -10.08 -6.98
C GLY C 159 -3.80 -10.89 -7.42
N THR C 160 -3.61 -12.19 -7.57
CA THR C 160 -4.66 -13.12 -7.99
C THR C 160 -5.80 -13.09 -6.99
N ALA C 161 -6.96 -12.78 -7.52
CA ALA C 161 -8.11 -12.62 -6.67
C ALA C 161 -8.54 -13.85 -5.92
N THR C 162 -8.81 -13.65 -4.65
CA THR C 162 -9.31 -14.73 -3.83
C THR C 162 -10.79 -14.97 -4.10
N SER C 163 -11.15 -16.22 -4.31
CA SER C 163 -12.55 -16.58 -4.56
C SER C 163 -13.36 -16.50 -3.26
N THR C 164 -14.59 -16.03 -3.38
CA THR C 164 -15.46 -15.88 -2.22
C THR C 164 -16.81 -16.54 -2.40
N VAL C 165 -17.35 -17.08 -1.31
CA VAL C 165 -18.68 -17.63 -1.34
C VAL C 165 -19.68 -16.56 -1.82
N THR C 166 -20.67 -17.01 -2.59
CA THR C 166 -21.78 -16.13 -2.96
C THR C 166 -22.95 -16.65 -2.10
N GLY C 167 -23.23 -15.94 -1.02
CA GLY C 167 -24.28 -16.40 -0.13
C GLY C 167 -24.46 -15.59 1.14
N SER C 168 -25.43 -16.00 1.95
CA SER C 168 -25.73 -15.32 3.20
C SER C 168 -26.28 -16.36 4.17
N GLY C 169 -25.95 -16.18 5.44
CA GLY C 169 -26.44 -17.06 6.48
C GLY C 169 -27.02 -16.20 7.60
N ALA C 170 -28.16 -16.61 8.14
CA ALA C 170 -28.78 -15.87 9.22
C ALA C 170 -29.28 -16.82 10.30
N VAL C 171 -29.26 -16.39 11.55
CA VAL C 171 -29.81 -17.19 12.63
C VAL C 171 -30.72 -16.39 13.56
N VAL C 172 -31.70 -17.09 14.13
CA VAL C 172 -32.59 -16.52 15.14
C VAL C 172 -32.23 -17.19 16.47
N LEU C 173 -31.96 -16.37 17.48
CA LEU C 173 -31.56 -16.86 18.78
C LEU C 173 -32.48 -16.34 19.86
N SER C 174 -32.72 -17.17 20.88
CA SER C 174 -33.55 -16.74 21.99
C SER C 174 -33.39 -17.70 23.16
N GLN C 175 -34.15 -17.48 24.23
CA GLN C 175 -34.10 -18.39 25.35
C GLN C 175 -35.13 -19.51 25.21
N GLN C 176 -35.99 -19.42 24.19
CA GLN C 176 -37.00 -20.46 23.92
C GLN C 176 -36.30 -21.71 23.38
N PRO C 177 -36.64 -22.89 23.95
CA PRO C 177 -36.06 -24.17 23.53
C PRO C 177 -36.12 -24.47 22.05
N GLY C 178 -35.00 -24.98 21.52
CA GLY C 178 -34.90 -25.34 20.13
C GLY C 178 -33.95 -26.51 19.99
N GLY C 179 -33.59 -26.87 18.75
CA GLY C 179 -32.75 -28.03 18.55
C GLY C 179 -31.30 -27.95 19.00
N ILE C 180 -30.79 -26.73 19.08
CA ILE C 180 -29.38 -26.52 19.39
C ILE C 180 -29.16 -25.47 20.46
N LYS C 181 -28.32 -25.79 21.43
CA LYS C 181 -27.99 -24.88 22.52
C LYS C 181 -26.65 -24.20 22.23
N ILE C 182 -26.52 -22.96 22.70
CA ILE C 182 -25.25 -22.22 22.64
C ILE C 182 -24.84 -22.15 24.12
N THR C 183 -23.64 -22.65 24.42
CA THR C 183 -23.19 -22.72 25.79
C THR C 183 -22.05 -21.78 26.15
N SER C 184 -21.30 -21.33 25.15
CA SER C 184 -20.25 -20.36 25.43
C SER C 184 -19.74 -19.75 24.14
N ALA C 185 -18.96 -18.69 24.28
CA ALA C 185 -18.36 -18.04 23.13
C ALA C 185 -17.04 -17.47 23.62
N THR C 186 -16.04 -17.48 22.75
CA THR C 186 -14.75 -16.91 23.10
C THR C 186 -14.43 -15.84 22.08
N VAL C 187 -14.28 -14.62 22.59
CA VAL C 187 -13.94 -13.46 21.77
C VAL C 187 -12.42 -13.41 21.58
N GLY C 188 -12.02 -13.37 20.32
CA GLY C 188 -10.61 -13.36 20.03
C GLY C 188 -9.99 -12.00 20.15
N ARG C 189 -8.66 -11.99 20.20
CA ARG C 189 -7.92 -10.75 20.18
C ARG C 189 -7.21 -10.75 18.82
N VAL C 190 -6.80 -9.58 18.37
CA VAL C 190 -6.17 -9.48 17.06
C VAL C 190 -4.77 -10.05 17.11
N ILE C 191 -4.45 -10.88 16.14
CA ILE C 191 -3.11 -11.50 16.05
C ILE C 191 -2.60 -11.19 14.66
N ASP C 192 -1.40 -10.65 14.58
CA ASP C 192 -0.78 -10.26 13.31
C ASP C 192 0.69 -10.66 13.31
N LEU C 193 1.04 -11.70 12.56
CA LEU C 193 2.43 -12.13 12.51
C LEU C 193 3.20 -11.71 11.26
N GLY C 194 2.74 -10.61 10.64
CA GLY C 194 3.49 -10.00 9.54
C GLY C 194 3.19 -10.30 8.10
N ILE C 195 2.22 -11.17 7.84
CA ILE C 195 1.86 -11.53 6.47
C ILE C 195 1.23 -10.34 5.75
N THR C 196 1.76 -10.00 4.59
CA THR C 196 1.25 -8.85 3.83
C THR C 196 0.60 -9.26 2.50
N ASP C 197 0.90 -10.48 2.07
CA ASP C 197 0.39 -10.99 0.79
C ASP C 197 -1.07 -11.40 0.94
N SER C 198 -1.97 -10.66 0.30
CA SER C 198 -3.40 -10.93 0.39
C SER C 198 -3.81 -12.28 -0.20
N GLN C 199 -2.89 -12.95 -0.86
CA GLN C 199 -3.18 -14.25 -1.45
C GLN C 199 -2.84 -15.37 -0.46
N ASP C 200 -2.33 -14.97 0.70
CA ASP C 200 -1.85 -15.91 1.71
C ASP C 200 -2.64 -15.80 3.00
N GLY C 202 -4.71 -17.76 4.40
CA GLY C 202 -4.76 -18.99 5.19
C GLY C 202 -3.70 -18.95 6.26
N SER C 203 -2.48 -18.62 5.87
CA SER C 203 -1.36 -18.55 6.80
C SER C 203 -1.44 -17.31 7.67
N ALA C 204 -1.99 -16.23 7.15
CA ALA C 204 -2.13 -15.03 7.95
C ALA C 204 -3.08 -15.29 9.12
N ALA C 206 -4.25 -18.35 10.41
CA ALA C 206 -4.06 -19.51 11.28
C ALA C 206 -3.63 -19.17 12.71
N PRO C 207 -2.67 -18.25 12.88
CA PRO C 207 -2.25 -17.91 14.25
C PRO C 207 -3.39 -17.36 15.10
N ALA C 208 -4.26 -16.53 14.53
CA ALA C 208 -5.37 -15.98 15.30
C ALA C 208 -6.36 -17.12 15.70
N ALA C 209 -6.61 -18.06 14.79
CA ALA C 209 -7.49 -19.20 15.12
C ALA C 209 -6.87 -20.03 16.25
N ALA C 210 -5.55 -20.24 16.19
CA ALA C 210 -4.87 -21.03 17.21
C ALA C 210 -4.94 -20.35 18.57
N ASP C 211 -4.71 -19.04 18.59
CA ASP C 211 -4.76 -18.30 19.84
C ASP C 211 -6.17 -18.40 20.46
N THR C 212 -7.21 -18.25 19.64
CA THR C 212 -8.58 -18.34 20.15
C THR C 212 -8.96 -19.75 20.63
N ILE C 213 -8.59 -20.78 19.88
CA ILE C 213 -8.88 -22.16 20.31
C ILE C 213 -8.12 -22.47 21.61
N LYS C 214 -6.85 -22.11 21.67
CA LYS C 214 -6.08 -22.32 22.89
C LYS C 214 -6.71 -21.62 24.09
N GLN C 215 -7.02 -20.33 23.94
CA GLN C 215 -7.62 -19.55 25.04
C GLN C 215 -8.99 -20.07 25.49
N HIS C 216 -9.84 -20.45 24.54
CA HIS C 216 -11.13 -21.05 24.84
C HIS C 216 -10.97 -22.31 25.72
N LEU C 217 -10.05 -23.20 25.33
CA LEU C 217 -9.80 -24.45 26.06
C LEU C 217 -9.22 -24.19 27.43
N GLU C 218 -8.26 -23.28 27.49
CA GLU C 218 -7.67 -22.89 28.77
C GLU C 218 -8.72 -22.26 29.68
N ASP C 219 -9.53 -21.34 29.16
CA ASP C 219 -10.55 -20.68 29.98
C ASP C 219 -11.50 -21.66 30.61
N LEU C 220 -11.94 -22.66 29.85
CA LEU C 220 -12.92 -23.60 30.36
C LEU C 220 -12.33 -24.85 31.02
N GLY C 221 -11.01 -24.94 31.03
CA GLY C 221 -10.35 -26.12 31.60
C GLY C 221 -10.71 -27.35 30.77
N ARG C 222 -10.74 -27.17 29.45
CA ARG C 222 -11.10 -28.26 28.55
C ARG C 222 -9.98 -28.67 27.62
N THR C 223 -10.19 -29.79 26.94
CA THR C 223 -9.25 -30.26 25.93
C THR C 223 -10.08 -30.65 24.70
N PRO C 224 -9.39 -30.98 23.59
CA PRO C 224 -10.11 -31.38 22.37
C PRO C 224 -11.00 -32.60 22.62
N ASP C 225 -10.62 -33.38 23.64
CA ASP C 225 -11.40 -34.57 23.98
C ASP C 225 -12.82 -34.21 24.40
N ASP C 226 -13.05 -32.95 24.77
CA ASP C 226 -14.38 -32.53 25.19
C ASP C 226 -15.29 -32.12 24.04
N TYR C 227 -14.75 -32.14 22.82
CA TYR C 227 -15.51 -31.74 21.64
C TYR C 227 -15.62 -32.86 20.63
N ASP C 228 -16.74 -32.90 19.91
CA ASP C 228 -16.89 -33.89 18.87
C ASP C 228 -16.24 -33.39 17.59
N LEU C 229 -16.17 -32.07 17.47
CA LEU C 229 -15.56 -31.43 16.31
C LEU C 229 -15.09 -30.03 16.68
N ILE C 230 -13.92 -29.65 16.17
CA ILE C 230 -13.41 -28.29 16.36
C ILE C 230 -13.30 -27.84 14.91
N LEU C 231 -14.19 -26.92 14.54
CA LEU C 231 -14.35 -26.49 13.17
C LEU C 231 -13.94 -25.06 12.93
N THR C 232 -12.96 -24.85 12.05
CA THR C 232 -12.54 -23.50 11.72
C THR C 232 -13.31 -23.11 10.47
N GLY C 233 -13.48 -21.80 10.28
CA GLY C 233 -14.29 -21.35 9.20
C GLY C 233 -13.74 -21.29 7.82
N ASP C 234 -12.61 -20.61 7.69
CA ASP C 234 -12.06 -20.30 6.38
C ASP C 234 -10.54 -20.40 6.23
N LEU C 235 -9.94 -21.34 6.93
CA LEU C 235 -8.50 -21.55 6.81
C LEU C 235 -8.22 -22.37 5.55
N SER C 236 -9.17 -23.21 5.17
CA SER C 236 -9.08 -24.04 3.98
C SER C 236 -7.82 -24.89 3.92
N GLY C 237 -7.39 -25.16 2.69
CA GLY C 237 -6.25 -26.05 2.46
C GLY C 237 -4.92 -25.68 3.02
N VAL C 238 -4.53 -24.42 2.84
CA VAL C 238 -3.23 -23.99 3.33
C VAL C 238 -3.19 -23.69 4.81
N GLY C 239 -4.25 -23.06 5.32
CA GLY C 239 -4.26 -22.66 6.72
C GLY C 239 -4.45 -23.76 7.75
N SER C 240 -5.17 -24.81 7.36
CA SER C 240 -5.50 -25.88 8.31
C SER C 240 -4.32 -26.64 8.89
N PRO C 241 -3.36 -27.05 8.05
CA PRO C 241 -2.17 -27.78 8.53
C PRO C 241 -1.37 -26.87 9.48
N ILE C 242 -1.26 -25.58 9.12
CA ILE C 242 -0.56 -24.60 9.96
C ILE C 242 -1.24 -24.46 11.33
N LEU C 243 -2.57 -24.32 11.34
CA LEU C 243 -3.30 -24.25 12.60
C LEU C 243 -2.98 -25.45 13.50
N LYS C 244 -3.03 -26.65 12.91
CA LYS C 244 -2.75 -27.85 13.68
C LYS C 244 -1.35 -27.85 14.27
N ASP C 245 -0.35 -27.48 13.47
CA ASP C 245 1.02 -27.43 13.94
C ASP C 245 1.19 -26.37 15.03
N LEU C 246 0.57 -25.21 14.84
CA LEU C 246 0.64 -24.19 15.88
C LEU C 246 0.06 -24.72 17.19
N LEU C 247 -1.10 -25.36 17.13
CA LEU C 247 -1.72 -25.86 18.34
C LEU C 247 -0.89 -26.98 18.96
N LYS C 248 -0.38 -27.88 18.12
CA LYS C 248 0.42 -29.00 18.60
C LYS C 248 1.63 -28.46 19.38
N GLU C 249 2.24 -27.40 18.85
CA GLU C 249 3.39 -26.78 19.52
C GLU C 249 3.01 -26.33 20.93
N GLU C 250 1.81 -25.76 21.07
CA GLU C 250 1.33 -25.27 22.35
C GLU C 250 0.80 -26.39 23.23
N GLY C 251 1.08 -27.63 22.84
CA GLY C 251 0.63 -28.77 23.62
C GLY C 251 -0.84 -29.08 23.47
N ILE C 252 -1.43 -28.66 22.34
CA ILE C 252 -2.85 -28.97 22.10
C ILE C 252 -2.91 -29.75 20.80
N ASN C 253 -3.30 -31.01 20.90
CA ASN C 253 -3.30 -31.90 19.75
C ASN C 253 -4.71 -32.18 19.29
N VAL C 254 -5.14 -31.48 18.24
CA VAL C 254 -6.52 -31.64 17.78
C VAL C 254 -6.70 -32.90 16.96
N GLY C 255 -5.64 -33.29 16.26
CA GLY C 255 -5.69 -34.50 15.47
C GLY C 255 -6.80 -34.49 14.44
N THR C 256 -7.53 -35.59 14.34
CA THR C 256 -8.60 -35.66 13.35
C THR C 256 -9.86 -34.97 13.82
N LYS C 257 -9.81 -34.36 14.99
CA LYS C 257 -10.95 -33.65 15.55
C LYS C 257 -11.20 -32.34 14.78
N HIS C 258 -10.19 -31.89 14.04
CA HIS C 258 -10.34 -30.65 13.30
C HIS C 258 -10.82 -30.78 11.87
N ASN C 259 -11.63 -29.81 11.46
CA ASN C 259 -12.01 -29.71 10.06
C ASN C 259 -12.19 -28.21 9.77
N ASP C 260 -12.36 -27.86 8.50
CA ASP C 260 -12.54 -26.47 8.11
C ASP C 260 -13.67 -26.36 7.09
N CYS C 261 -14.58 -25.39 7.31
CA CYS C 261 -15.72 -25.21 6.42
C CYS C 261 -15.28 -25.07 4.97
N GLY C 262 -14.16 -24.37 4.78
CA GLY C 262 -13.62 -24.14 3.45
C GLY C 262 -13.24 -25.40 2.69
N LEU C 263 -13.13 -26.53 3.40
CA LEU C 263 -12.77 -27.77 2.73
C LEU C 263 -14.01 -28.62 2.52
N ILE C 265 -17.28 -27.26 1.32
CA ILE C 265 -18.34 -26.68 0.49
C ILE C 265 -18.19 -26.76 -1.01
N TYR C 266 -16.96 -26.91 -1.47
CA TYR C 266 -16.72 -27.05 -2.91
C TYR C 266 -16.04 -28.38 -3.22
N THR C 267 -16.27 -28.87 -4.43
CA THR C 267 -15.59 -30.08 -4.90
C THR C 267 -14.13 -29.71 -5.18
N PRO C 268 -13.20 -30.68 -5.00
CA PRO C 268 -11.77 -30.46 -5.23
C PRO C 268 -11.51 -29.69 -6.50
N ASP C 269 -12.17 -30.10 -7.58
CA ASP C 269 -12.02 -29.44 -8.87
C ASP C 269 -12.54 -28.01 -8.83
N SER C 277 -8.77 -19.95 0.71
CA SER C 277 -8.74 -19.32 2.03
C SER C 277 -9.50 -17.99 2.03
N GLY C 278 -10.26 -17.76 3.12
CA GLY C 278 -11.00 -16.52 3.28
C GLY C 278 -12.22 -16.33 2.42
N CYS C 279 -12.85 -17.44 2.00
CA CYS C 279 -14.01 -17.35 1.12
C CYS C 279 -15.31 -17.05 1.83
N ALA C 280 -15.23 -16.92 3.16
CA ALA C 280 -16.38 -16.54 3.98
C ALA C 280 -17.53 -17.53 3.93
N CYS C 281 -17.19 -18.80 4.03
CA CYS C 281 -18.21 -19.84 3.99
C CYS C 281 -18.66 -20.29 5.39
N SER C 282 -18.01 -19.80 6.44
CA SER C 282 -18.33 -20.32 7.77
C SER C 282 -19.80 -20.33 8.13
N ALA C 283 -20.49 -19.25 7.83
CA ALA C 283 -21.90 -19.20 8.19
C ALA C 283 -22.78 -20.18 7.41
N VAL C 284 -22.68 -20.19 6.09
CA VAL C 284 -23.57 -21.07 5.33
C VAL C 284 -23.29 -22.53 5.58
N VAL C 285 -22.01 -22.88 5.74
CA VAL C 285 -21.67 -24.26 6.02
C VAL C 285 -22.14 -24.63 7.43
N THR C 286 -21.85 -23.77 8.41
CA THR C 286 -22.25 -24.05 9.77
C THR C 286 -23.75 -24.18 9.91
N PHE C 287 -24.51 -23.25 9.33
CA PHE C 287 -25.95 -23.30 9.48
C PHE C 287 -26.64 -24.37 8.65
N ALA C 288 -26.25 -24.47 7.39
CA ALA C 288 -26.87 -25.45 6.49
C ALA C 288 -26.46 -26.89 6.75
N HIS C 289 -25.21 -27.09 7.17
CA HIS C 289 -24.69 -28.44 7.36
C HIS C 289 -24.42 -28.87 8.79
N ILE C 290 -23.53 -28.16 9.48
CA ILE C 290 -23.20 -28.55 10.84
C ILE C 290 -24.40 -28.57 11.78
N PHE C 291 -25.30 -27.58 11.68
CA PHE C 291 -26.49 -27.56 12.53
C PHE C 291 -27.36 -28.79 12.30
N LYS C 292 -27.48 -29.22 11.04
CA LYS C 292 -28.23 -30.44 10.73
C LYS C 292 -27.55 -31.65 11.38
N GLU C 293 -26.23 -31.71 11.32
CA GLU C 293 -25.50 -32.83 11.95
C GLU C 293 -25.74 -32.87 13.46
N ILE C 294 -25.80 -31.70 14.08
CA ILE C 294 -26.06 -31.62 15.52
C ILE C 294 -27.51 -32.02 15.84
N GLU C 295 -28.48 -31.47 15.13
CA GLU C 295 -29.88 -31.81 15.39
C GLU C 295 -30.16 -33.30 15.15
N ALA C 296 -29.48 -33.87 14.17
CA ALA C 296 -29.63 -35.29 13.85
C ALA C 296 -28.92 -36.20 14.88
N GLY C 297 -28.15 -35.61 15.78
CA GLY C 297 -27.48 -36.37 16.82
C GLY C 297 -26.12 -36.92 16.44
N ARG C 298 -25.63 -36.58 15.25
CA ARG C 298 -24.34 -37.10 14.78
C ARG C 298 -23.13 -36.37 15.35
N LEU C 299 -23.37 -35.16 15.87
CA LEU C 299 -22.33 -34.37 16.57
C LEU C 299 -23.05 -33.85 17.80
N ASN C 300 -22.43 -33.91 18.97
CA ASN C 300 -23.12 -33.40 20.16
C ASN C 300 -22.62 -32.04 20.64
N ARG C 301 -21.29 -31.85 20.62
CA ARG C 301 -20.71 -30.54 20.99
C ARG C 301 -19.65 -30.14 19.97
N VAL C 302 -19.83 -28.97 19.40
CA VAL C 302 -18.95 -28.45 18.37
C VAL C 302 -18.46 -27.04 18.68
N LEU C 303 -17.15 -26.85 18.65
CA LEU C 303 -16.59 -25.51 18.82
C LEU C 303 -16.40 -24.98 17.39
N VAL C 304 -17.09 -23.89 17.06
CA VAL C 304 -16.95 -23.31 15.72
C VAL C 304 -16.16 -22.02 15.84
N VAL C 305 -15.06 -21.95 15.12
CA VAL C 305 -14.20 -20.78 15.19
C VAL C 305 -14.08 -20.14 13.84
N ALA C 306 -14.75 -18.99 13.67
CA ALA C 306 -14.68 -18.27 12.41
C ALA C 306 -13.43 -17.41 12.44
N THR C 307 -12.64 -17.44 11.37
CA THR C 307 -11.42 -16.62 11.35
C THR C 307 -11.51 -15.61 10.19
N GLY C 308 -11.02 -14.41 10.45
CA GLY C 308 -11.11 -13.36 9.46
C GLY C 308 -9.92 -12.45 9.41
N ALA C 309 -9.67 -11.90 8.23
CA ALA C 309 -8.60 -10.93 8.06
C ALA C 309 -9.35 -9.60 8.17
N LEU C 310 -8.79 -8.63 8.89
CA LEU C 310 -9.42 -7.31 9.03
C LEU C 310 -8.66 -6.36 8.11
N LEU C 311 -9.28 -6.06 6.98
CA LEU C 311 -8.59 -5.27 5.97
C LEU C 311 -9.51 -4.43 5.11
N SER C 312 -8.89 -3.68 4.22
CA SER C 312 -9.60 -2.83 3.29
C SER C 312 -8.56 -2.46 2.25
N PRO C 313 -8.98 -1.87 1.12
CA PRO C 313 -8.04 -1.50 0.07
C PRO C 313 -6.77 -0.75 0.47
N THR C 314 -6.93 0.21 1.37
CA THR C 314 -5.78 1.00 1.81
C THR C 314 -4.72 0.14 2.47
N ILE C 315 -5.18 -0.81 3.29
CA ILE C 315 -4.30 -1.73 3.97
C ILE C 315 -3.48 -2.50 2.95
N ILE C 316 -4.16 -2.99 1.92
CA ILE C 316 -3.53 -3.82 0.90
C ILE C 316 -2.62 -3.01 -0.01
N GLN C 317 -3.12 -1.86 -0.43
CA GLN C 317 -2.38 -0.95 -1.30
C GLN C 317 -1.03 -0.55 -0.68
N GLN C 318 -1.00 -0.35 0.64
CA GLN C 318 0.24 0.05 1.31
C GLN C 318 1.02 -1.14 1.84
N LYS C 319 0.67 -2.34 1.39
CA LYS C 319 1.41 -3.51 1.79
C LYS C 319 1.60 -3.65 3.30
N GLU C 320 0.59 -3.26 4.06
CA GLU C 320 0.66 -3.39 5.52
C GLU C 320 0.44 -4.86 5.94
N SER C 321 0.97 -5.22 7.12
CA SER C 321 0.71 -6.56 7.67
C SER C 321 -0.81 -6.60 7.94
N ILE C 322 -1.44 -7.72 7.61
CA ILE C 322 -2.87 -7.87 7.75
C ILE C 322 -3.27 -8.39 9.13
N PRO C 323 -4.03 -7.59 9.89
CA PRO C 323 -4.44 -8.05 11.22
C PRO C 323 -5.53 -9.10 11.09
N CYS C 324 -5.47 -10.15 11.91
CA CYS C 324 -6.50 -11.19 11.83
C CYS C 324 -7.09 -11.47 13.21
N ILE C 325 -8.26 -12.08 13.24
CA ILE C 325 -8.93 -12.35 14.50
C ILE C 325 -9.80 -13.59 14.34
N ALA C 326 -10.05 -14.29 15.43
CA ALA C 326 -10.90 -15.47 15.34
C ALA C 326 -11.85 -15.49 16.53
N HIS C 327 -13.13 -15.74 16.28
CA HIS C 327 -14.14 -15.82 17.35
C HIS C 327 -14.76 -17.19 17.37
N GLY C 328 -14.95 -17.74 18.57
CA GLY C 328 -15.53 -19.06 18.68
C GLY C 328 -16.87 -19.12 19.39
N VAL C 329 -17.71 -20.06 18.97
CA VAL C 329 -18.99 -20.27 19.63
C VAL C 329 -19.15 -21.80 19.80
N VAL C 330 -19.62 -22.22 20.97
CA VAL C 330 -19.87 -23.63 21.19
C VAL C 330 -21.37 -23.95 21.06
N PHE C 331 -21.69 -24.83 20.10
CA PHE C 331 -23.05 -25.32 19.86
C PHE C 331 -23.15 -26.78 20.33
N GLU C 332 -24.26 -27.12 20.98
CA GLU C 332 -24.47 -28.45 21.53
C GLU C 332 -25.89 -28.90 21.23
N ARG C 333 -26.08 -30.21 21.11
CA ARG C 333 -27.41 -30.71 20.85
C ARG C 333 -28.23 -30.49 22.11
N ALA C 334 -29.43 -29.93 21.97
CA ALA C 334 -30.26 -29.68 23.14
C ALA C 334 -30.74 -31.00 23.75
N LYS D 2 8.32 2.03 2.01
CA LYS D 2 8.88 3.37 1.84
C LYS D 2 8.15 4.10 0.70
N LEU D 3 7.48 3.38 -0.20
CA LEU D 3 6.71 4.04 -1.26
C LEU D 3 5.49 4.71 -0.61
N THR D 4 5.32 6.00 -0.90
CA THR D 4 4.21 6.80 -0.36
C THR D 4 3.40 7.29 -1.56
N GLY D 5 2.10 7.04 -1.55
CA GLY D 5 1.27 7.43 -2.68
C GLY D 5 1.67 6.65 -3.93
N LYS D 6 1.68 7.33 -5.06
CA LYS D 6 1.98 6.68 -6.33
C LYS D 6 3.44 6.64 -6.76
N GLN D 7 4.16 7.73 -6.50
CA GLN D 7 5.50 7.90 -7.06
C GLN D 7 6.57 8.44 -6.12
N THR D 8 6.28 8.48 -4.83
CA THR D 8 7.21 9.10 -3.90
C THR D 8 7.82 8.16 -2.92
N TRP D 9 9.14 8.20 -2.85
CA TRP D 9 9.88 7.38 -1.92
C TRP D 9 10.18 8.23 -0.69
N GLU D 10 9.78 7.75 0.49
CA GLU D 10 10.08 8.44 1.74
C GLU D 10 11.11 7.62 2.50
N PHE D 11 12.32 8.15 2.66
CA PHE D 11 13.40 7.39 3.29
C PHE D 11 13.19 7.27 4.78
N GLU D 12 13.27 6.05 5.29
CA GLU D 12 12.96 5.89 6.70
C GLU D 12 14.16 6.00 7.63
N ASN D 13 15.35 5.92 7.05
CA ASN D 13 16.57 5.99 7.87
C ASN D 13 17.37 7.27 7.68
N PRO D 14 18.30 7.56 8.60
CA PRO D 14 19.12 8.77 8.46
C PRO D 14 19.75 8.79 7.07
N LEU D 15 19.64 9.92 6.36
CA LEU D 15 20.16 10.02 4.99
C LEU D 15 20.66 11.44 4.79
N PHE D 16 21.92 11.59 4.42
CA PHE D 16 22.49 12.92 4.26
C PHE D 16 23.35 13.15 3.03
N VAL D 17 23.45 14.42 2.65
CA VAL D 17 24.39 14.84 1.61
C VAL D 17 25.63 15.19 2.48
N ASN D 18 26.71 14.42 2.34
CA ASN D 18 27.89 14.70 3.15
C ASN D 18 28.78 15.77 2.52
N SER D 19 28.69 15.90 1.20
CA SER D 19 29.46 16.92 0.50
C SER D 19 29.08 16.94 -0.96
N SER D 20 29.50 18.01 -1.64
CA SER D 20 29.24 18.12 -3.06
C SER D 20 30.42 18.77 -3.71
N GLY D 21 30.44 18.72 -5.04
CA GLY D 21 31.50 19.30 -5.80
C GLY D 21 30.94 19.81 -7.09
N THR D 22 31.42 20.98 -7.51
CA THR D 22 31.03 21.56 -8.76
C THR D 22 32.27 22.11 -9.48
N ALA D 23 32.29 21.92 -10.79
CA ALA D 23 33.37 22.45 -11.62
C ALA D 23 32.67 23.01 -12.86
N VAL D 24 33.03 24.23 -13.24
CA VAL D 24 32.37 24.91 -14.35
C VAL D 24 33.32 25.66 -15.27
N GLY D 25 32.78 26.11 -16.40
CA GLY D 25 33.53 26.85 -17.40
C GLY D 25 33.53 28.36 -17.13
N PRO D 26 34.06 29.14 -18.09
CA PRO D 26 34.12 30.60 -17.97
C PRO D 26 32.81 31.33 -17.89
N LYS D 27 31.86 30.91 -18.70
CA LYS D 27 30.55 31.56 -18.73
C LYS D 27 29.88 31.49 -17.34
N GLU D 28 29.99 30.34 -16.69
CA GLU D 28 29.40 30.15 -15.36
C GLU D 28 30.20 30.94 -14.33
N LYS D 29 31.54 30.91 -14.49
CA LYS D 29 32.44 31.66 -13.63
C LYS D 29 32.07 33.15 -13.64
N GLU D 30 31.70 33.67 -14.80
CA GLU D 30 31.37 35.09 -14.95
C GLU D 30 29.97 35.42 -14.45
N GLY D 31 29.15 34.39 -14.32
CA GLY D 31 27.79 34.60 -13.86
C GLY D 31 27.70 34.94 -12.38
N PRO D 32 26.48 35.25 -11.92
CA PRO D 32 26.11 35.62 -10.55
C PRO D 32 26.57 34.63 -9.49
N LEU D 33 26.72 33.37 -9.85
CA LEU D 33 27.09 32.35 -8.86
C LEU D 33 28.52 31.89 -9.03
N GLY D 34 29.22 32.51 -9.97
CA GLY D 34 30.56 32.09 -10.32
C GLY D 34 31.49 31.81 -9.17
N HIS D 35 31.30 32.58 -8.10
CA HIS D 35 32.12 32.48 -6.91
C HIS D 35 31.80 31.31 -6.01
N LEU D 36 30.69 30.64 -6.27
CA LEU D 36 30.26 29.52 -5.43
C LEU D 36 30.75 28.13 -5.86
N PHE D 37 31.15 28.00 -7.13
CA PHE D 37 31.63 26.71 -7.63
C PHE D 37 33.03 26.39 -7.10
N ASP D 38 33.29 25.11 -6.86
CA ASP D 38 34.57 24.71 -6.27
C ASP D 38 35.74 24.94 -7.21
N LYS D 39 35.50 24.71 -8.49
CA LYS D 39 36.53 24.87 -9.49
C LYS D 39 35.95 25.51 -10.74
N SER D 40 36.72 26.41 -11.36
CA SER D 40 36.29 27.02 -12.61
C SER D 40 37.48 27.18 -13.56
N TYR D 41 37.20 27.22 -14.86
CA TYR D 41 38.24 27.36 -15.86
C TYR D 41 38.02 28.61 -16.68
N ASP D 42 39.11 29.27 -17.08
CA ASP D 42 39.02 30.51 -17.86
C ASP D 42 38.64 30.30 -19.33
N GLU D 43 38.78 29.07 -19.81
CA GLU D 43 38.45 28.76 -21.21
C GLU D 43 37.78 27.40 -21.26
N HIS D 45 37.93 24.66 -22.91
CA HIS D 45 38.63 23.40 -23.07
C HIS D 45 39.11 22.85 -21.72
N CYS D 46 39.11 23.69 -20.69
CA CYS D 46 39.56 23.29 -19.37
C CYS D 46 40.97 22.68 -19.39
N ASN D 47 41.88 23.32 -20.12
CA ASN D 47 43.29 22.90 -20.24
C ASN D 47 43.44 21.59 -20.99
N GLN D 48 42.37 21.14 -21.62
CA GLN D 48 42.35 19.85 -22.28
C GLN D 48 42.43 19.93 -23.79
N LYS D 49 42.70 18.78 -24.43
CA LYS D 49 42.90 18.73 -25.88
C LYS D 49 41.65 18.87 -26.73
N ASN D 50 40.54 18.33 -26.25
CA ASN D 50 39.28 18.43 -26.99
C ASN D 50 38.09 18.54 -26.04
N TRP D 51 36.89 18.64 -26.62
CA TRP D 51 35.68 18.81 -25.82
C TRP D 51 35.37 17.60 -24.94
N GLU D 52 35.77 16.42 -25.41
CA GLU D 52 35.54 15.18 -24.66
C GLU D 52 36.42 15.10 -23.41
N ALA D 54 37.64 17.71 -22.07
CA ALA D 54 37.23 18.87 -21.27
C ALA D 54 36.09 18.48 -20.33
N GLU D 55 35.05 17.84 -20.84
CA GLU D 55 33.93 17.45 -19.97
C GLU D 55 34.37 16.41 -18.95
N ARG D 56 35.25 15.50 -19.35
CA ARG D 56 35.76 14.49 -18.43
C ARG D 56 36.54 15.11 -17.27
N LYS D 57 37.31 16.15 -17.57
CA LYS D 57 38.08 16.83 -16.52
C LYS D 57 37.13 17.51 -15.54
N LEU D 58 36.09 18.15 -16.07
CA LEU D 58 35.09 18.79 -15.22
C LEU D 58 34.45 17.79 -14.25
N GLU D 60 35.68 14.87 -13.27
CA GLU D 60 36.73 14.40 -12.36
C GLU D 60 36.99 15.44 -11.27
N ASP D 61 36.98 16.72 -11.62
CA ASP D 61 37.16 17.82 -10.66
C ASP D 61 36.05 17.82 -9.63
N ALA D 62 34.80 17.78 -10.11
CA ALA D 62 33.65 17.81 -9.21
C ALA D 62 33.65 16.62 -8.27
N VAL D 63 33.90 15.43 -8.80
CA VAL D 63 33.95 14.23 -7.96
C VAL D 63 35.08 14.37 -6.94
N GLN D 64 36.26 14.77 -7.39
CA GLN D 64 37.38 14.91 -6.46
C GLN D 64 37.10 15.95 -5.38
N SER D 65 36.39 17.03 -5.72
CA SER D 65 36.04 18.04 -4.72
C SER D 65 35.15 17.42 -3.65
N ALA D 66 34.10 16.73 -4.09
CA ALA D 66 33.19 16.08 -3.16
C ALA D 66 33.93 15.08 -2.27
N LEU D 67 34.80 14.27 -2.86
CA LEU D 67 35.51 13.27 -2.07
C LEU D 67 36.47 13.92 -1.09
N SER D 68 37.21 14.91 -1.57
CA SER D 68 38.21 15.59 -0.75
C SER D 68 37.65 16.29 0.48
N LYS D 69 36.49 16.94 0.32
CA LYS D 69 35.88 17.64 1.44
C LYS D 69 35.55 16.71 2.60
N GLN D 70 35.43 15.42 2.32
CA GLN D 70 35.11 14.46 3.38
C GLN D 70 36.28 13.53 3.65
N ASN D 71 37.42 13.83 3.03
CA ASN D 71 38.61 13.01 3.21
C ASN D 71 38.40 11.56 2.77
N LEU D 72 37.61 11.38 1.72
CA LEU D 72 37.34 10.05 1.21
C LEU D 72 38.16 9.73 -0.02
N LYS D 73 38.43 8.43 -0.21
CA LYS D 73 39.10 7.94 -1.40
C LYS D 73 38.02 7.25 -2.25
N LYS D 74 38.30 7.02 -3.52
CA LYS D 74 37.33 6.37 -4.38
C LYS D 74 36.92 5.00 -3.82
N GLU D 75 37.85 4.31 -3.15
CA GLU D 75 37.54 3.00 -2.57
C GLU D 75 36.54 3.05 -1.41
N ASP D 76 36.31 4.24 -0.86
CA ASP D 76 35.37 4.41 0.24
C ASP D 76 33.92 4.50 -0.22
N ILE D 77 33.69 4.44 -1.53
CA ILE D 77 32.34 4.54 -2.11
C ILE D 77 31.86 3.18 -2.61
N ASP D 78 30.64 2.79 -2.28
CA ASP D 78 30.13 1.49 -2.70
C ASP D 78 29.47 1.49 -4.07
N ILE D 79 28.84 2.59 -4.45
CA ILE D 79 28.11 2.63 -5.71
C ILE D 79 28.20 4.01 -6.34
N PHE D 80 28.32 4.04 -7.66
CA PHE D 80 28.42 5.30 -8.40
C PHE D 80 27.25 5.37 -9.37
N LEU D 81 26.43 6.41 -9.25
CA LEU D 81 25.32 6.64 -10.16
C LEU D 81 25.58 7.90 -10.99
N ALA D 82 25.62 7.74 -12.31
CA ALA D 82 25.94 8.88 -13.14
C ALA D 82 25.49 8.72 -14.57
N GLY D 83 25.41 9.86 -15.25
CA GLY D 83 25.13 9.87 -16.67
C GLY D 83 25.58 11.23 -17.22
N ASP D 84 25.71 11.34 -18.54
CA ASP D 84 26.06 12.62 -19.12
C ASP D 84 25.18 12.88 -20.35
N LEU D 85 25.02 14.17 -20.64
CA LEU D 85 24.05 14.63 -21.62
C LEU D 85 24.17 14.22 -23.07
N LEU D 86 25.35 13.77 -23.44
CA LEU D 86 25.52 13.33 -24.81
C LEU D 86 25.17 11.86 -25.01
N ASN D 87 25.21 11.06 -23.94
CA ASN D 87 24.94 9.62 -24.09
C ASN D 87 25.80 9.04 -25.21
N GLN D 88 27.09 9.30 -25.13
CA GLN D 88 28.04 8.82 -26.12
C GLN D 88 29.09 7.96 -25.44
N ASN D 89 28.81 7.60 -24.18
CA ASN D 89 29.75 6.79 -23.40
C ASN D 89 31.07 7.52 -23.22
N VAL D 90 31.04 8.83 -23.49
CA VAL D 90 32.25 9.60 -23.39
C VAL D 90 32.65 9.99 -21.98
N THR D 91 31.80 10.71 -21.24
CA THR D 91 32.21 11.17 -19.92
C THR D 91 32.01 10.28 -18.71
N ALA D 92 30.76 10.02 -18.35
CA ALA D 92 30.46 9.22 -17.17
C ALA D 92 31.15 7.88 -17.14
N ASN D 93 31.11 7.18 -18.27
CA ASN D 93 31.74 5.86 -18.40
C ASN D 93 33.26 5.96 -18.19
N TYR D 94 33.88 6.95 -18.84
CA TYR D 94 35.30 7.23 -18.69
C TYR D 94 35.66 7.47 -17.22
N VAL D 95 34.89 8.35 -16.56
CA VAL D 95 35.13 8.66 -15.15
C VAL D 95 34.88 7.44 -14.23
N ALA D 96 33.85 6.65 -14.53
CA ALA D 96 33.58 5.44 -13.76
C ALA D 96 34.78 4.47 -13.87
N ARG D 97 35.35 4.31 -15.06
CA ARG D 97 36.51 3.43 -15.19
C ARG D 97 37.66 3.86 -14.27
N HIS D 98 37.96 5.15 -14.22
CA HIS D 98 39.04 5.61 -13.36
C HIS D 98 38.76 5.47 -11.88
N LEU D 99 37.51 5.65 -11.49
CA LEU D 99 37.14 5.55 -10.08
C LEU D 99 37.07 4.10 -9.60
N LYS D 100 36.77 3.17 -10.50
CA LYS D 100 36.66 1.74 -10.18
C LYS D 100 35.52 1.41 -9.20
N ILE D 101 34.57 2.32 -9.06
CA ILE D 101 33.43 2.10 -8.18
C ILE D 101 32.33 1.39 -8.97
N PRO D 102 31.67 0.38 -8.36
CA PRO D 102 30.57 -0.36 -9.01
C PRO D 102 29.66 0.74 -9.62
N PHE D 103 29.30 0.56 -10.88
CA PHE D 103 28.67 1.62 -11.63
C PHE D 103 27.32 1.32 -12.20
N LEU D 104 26.35 2.20 -11.91
CA LEU D 104 24.98 2.10 -12.47
C LEU D 104 24.87 3.28 -13.44
N CYS D 105 24.80 2.95 -14.71
CA CYS D 105 24.86 3.94 -15.77
C CYS D 105 23.49 4.44 -16.14
N LEU D 106 23.24 5.72 -15.93
CA LEU D 106 21.92 6.30 -16.22
C LEU D 106 21.85 7.04 -17.55
N PHE D 107 20.66 7.11 -18.14
CA PHE D 107 20.53 7.82 -19.41
C PHE D 107 20.52 9.31 -19.16
N GLY D 108 21.49 9.98 -19.79
CA GLY D 108 21.66 11.41 -19.60
C GLY D 108 20.57 12.28 -20.15
N ALA D 109 20.07 13.15 -19.30
CA ALA D 109 19.04 14.08 -19.65
C ALA D 109 19.19 15.10 -18.54
N CYS D 110 18.58 16.26 -18.69
CA CYS D 110 18.74 17.24 -17.63
C CYS D 110 18.08 16.76 -16.33
N SER D 111 17.31 15.67 -16.42
CA SER D 111 16.62 15.15 -15.22
C SER D 111 17.51 14.19 -14.42
N THR D 112 18.63 13.78 -15.02
CA THR D 112 19.54 12.81 -14.40
C THR D 112 20.14 13.26 -13.07
N SER D 113 20.31 14.57 -12.90
CA SER D 113 20.87 15.09 -11.66
C SER D 113 20.06 14.59 -10.45
N GLU D 115 17.55 12.10 -10.71
CA GLU D 115 17.35 10.65 -10.86
C GLU D 115 18.49 9.89 -10.15
N SER D 116 19.73 10.34 -10.35
CA SER D 116 20.89 9.69 -9.74
C SER D 116 20.86 9.78 -8.21
N ILE D 117 20.40 10.90 -7.69
CA ILE D 117 20.32 11.07 -6.23
C ILE D 117 19.17 10.21 -5.63
N ALA D 118 18.03 10.17 -6.32
CA ALA D 118 16.90 9.37 -5.89
C ALA D 118 17.30 7.90 -5.78
N ILE D 119 17.93 7.37 -6.83
CA ILE D 119 18.31 5.96 -6.80
C ILE D 119 19.38 5.75 -5.73
N SER D 120 20.38 6.63 -5.69
CA SER D 120 21.41 6.53 -4.66
C SER D 120 20.77 6.47 -3.28
N SER D 121 19.79 7.34 -3.07
CA SER D 121 19.10 7.45 -1.80
C SER D 121 18.41 6.14 -1.40
N ALA D 122 17.67 5.55 -2.34
CA ALA D 122 16.97 4.30 -2.08
C ALA D 122 17.97 3.17 -1.76
N LEU D 123 19.04 3.10 -2.54
CA LEU D 123 20.03 2.05 -2.31
C LEU D 123 20.66 2.21 -0.91
N ILE D 124 20.93 3.44 -0.50
CA ILE D 124 21.49 3.66 0.83
C ILE D 124 20.45 3.33 1.92
N ASP D 125 19.23 3.85 1.75
CA ASP D 125 18.20 3.62 2.76
C ASP D 125 17.79 2.14 2.83
N GLY D 126 18.04 1.41 1.75
CA GLY D 126 17.68 -0.01 1.71
C GLY D 126 18.76 -0.96 2.18
N GLY D 127 19.90 -0.43 2.58
CA GLY D 127 21.00 -1.25 3.08
C GLY D 127 21.87 -1.86 1.99
N PHE D 128 21.78 -1.33 0.77
CA PHE D 128 22.57 -1.87 -0.33
C PHE D 128 23.89 -1.17 -0.54
N ALA D 129 24.05 -0.01 0.08
CA ALA D 129 25.31 0.73 -0.02
C ALA D 129 25.50 1.59 1.23
N LYS D 130 26.75 1.83 1.63
CA LYS D 130 27.01 2.65 2.81
C LYS D 130 27.18 4.08 2.33
N ARG D 131 27.98 4.25 1.28
CA ARG D 131 28.15 5.56 0.66
C ARG D 131 27.91 5.46 -0.83
N ALA D 132 27.27 6.48 -1.39
CA ALA D 132 27.04 6.56 -2.82
C ALA D 132 27.61 7.87 -3.37
N LEU D 133 28.07 7.82 -4.62
CA LEU D 133 28.52 9.00 -5.32
C LEU D 133 27.58 9.18 -6.51
N ALA D 134 27.05 10.39 -6.71
CA ALA D 134 26.20 10.67 -7.88
C ALA D 134 26.77 11.89 -8.60
N ALA D 135 26.84 11.83 -9.93
CA ALA D 135 27.39 12.94 -10.73
C ALA D 135 26.78 13.01 -12.12
N THR D 136 26.78 14.20 -12.69
CA THR D 136 26.32 14.41 -14.06
C THR D 136 27.22 15.51 -14.61
N SER D 137 27.20 15.70 -15.92
CA SER D 137 28.00 16.73 -16.54
C SER D 137 27.43 17.10 -17.89
N SER D 138 27.81 18.29 -18.37
CA SER D 138 27.43 18.71 -19.71
C SER D 138 28.47 19.72 -20.20
N HIS D 139 28.49 19.97 -21.50
CA HIS D 139 29.42 20.93 -22.06
C HIS D 139 28.74 21.68 -23.19
N ASN D 140 28.79 23.01 -23.13
CA ASN D 140 28.18 23.83 -24.17
C ASN D 140 28.66 23.49 -25.58
N ALA D 141 29.95 23.18 -25.72
CA ALA D 141 30.52 22.95 -27.05
C ALA D 141 30.05 21.71 -27.77
N THR D 142 29.44 20.77 -27.05
CA THR D 142 28.95 19.55 -27.67
C THR D 142 27.46 19.34 -27.47
N ALA D 143 26.80 20.36 -26.92
CA ALA D 143 25.36 20.29 -26.66
C ALA D 143 24.55 20.12 -27.92
N GLU D 144 25.07 20.61 -29.05
CA GLU D 144 24.39 20.48 -30.33
C GLU D 144 24.25 19.02 -30.77
N ARG D 145 25.16 18.16 -30.30
CA ARG D 145 25.14 16.74 -30.68
C ARG D 145 23.96 15.94 -30.15
N GLN D 146 23.15 16.55 -29.30
CA GLN D 146 21.96 15.88 -28.82
C GLN D 146 20.87 15.97 -29.89
N PHE D 147 20.97 16.97 -30.75
CA PHE D 147 19.96 17.25 -31.76
C PHE D 147 20.40 16.93 -33.17
N ARG D 148 21.69 17.07 -33.42
CA ARG D 148 22.18 16.94 -34.77
C ARG D 148 23.36 16.07 -35.03
N TYR D 149 23.33 15.44 -36.19
CA TYR D 149 24.45 14.69 -36.74
C TYR D 149 24.88 13.44 -36.01
N SER D 163 22.95 27.57 -24.95
CA SER D 163 22.92 28.05 -23.57
C SER D 163 23.34 26.98 -22.56
N THR D 164 23.52 25.76 -23.04
CA THR D 164 23.88 24.63 -22.19
C THR D 164 25.04 24.90 -21.24
N VAL D 165 24.83 24.56 -19.97
CA VAL D 165 25.89 24.73 -19.00
C VAL D 165 27.12 23.89 -19.34
N THR D 166 28.28 24.48 -19.04
CA THR D 166 29.56 23.79 -19.19
C THR D 166 29.99 23.51 -17.74
N GLY D 167 29.74 22.28 -17.27
CA GLY D 167 30.12 21.95 -15.91
C GLY D 167 29.66 20.58 -15.47
N SER D 168 29.91 20.28 -14.19
CA SER D 168 29.56 19.02 -13.57
C SER D 168 29.36 19.20 -12.07
N GLY D 169 28.37 18.47 -11.54
CA GLY D 169 28.12 18.51 -10.12
C GLY D 169 28.14 17.07 -9.62
N ALA D 170 28.71 16.86 -8.44
CA ALA D 170 28.74 15.53 -7.85
C ALA D 170 28.41 15.67 -6.37
N VAL D 171 27.81 14.63 -5.79
CA VAL D 171 27.51 14.62 -4.37
C VAL D 171 27.83 13.27 -3.76
N VAL D 172 28.23 13.29 -2.50
CA VAL D 172 28.50 12.07 -1.75
C VAL D 172 27.35 11.95 -0.76
N LEU D 173 26.71 10.78 -0.72
CA LEU D 173 25.59 10.55 0.18
C LEU D 173 25.87 9.38 1.12
N SER D 174 25.30 9.43 2.32
CA SER D 174 25.47 8.34 3.27
C SER D 174 24.55 8.55 4.46
N GLN D 175 24.57 7.62 5.41
CA GLN D 175 23.76 7.72 6.62
C GLN D 175 24.50 8.49 7.73
N GLN D 176 25.71 8.94 7.43
CA GLN D 176 26.53 9.69 8.40
C GLN D 176 26.02 11.13 8.45
N PRO D 177 25.75 11.63 9.67
CA PRO D 177 25.24 13.00 9.80
C PRO D 177 25.98 14.05 9.02
N GLY D 178 25.23 14.89 8.31
CA GLY D 178 25.80 16.00 7.57
C GLY D 178 24.88 17.20 7.71
N GLY D 179 25.25 18.31 7.07
CA GLY D 179 24.45 19.52 7.15
C GLY D 179 23.10 19.47 6.46
N ILE D 180 22.99 18.57 5.48
CA ILE D 180 21.76 18.46 4.70
C ILE D 180 21.18 17.06 4.67
N LYS D 181 19.90 16.94 5.00
CA LYS D 181 19.20 15.66 4.94
C LYS D 181 18.41 15.54 3.64
N ILE D 182 18.21 14.29 3.20
CA ILE D 182 17.36 14.01 2.03
C ILE D 182 16.18 13.24 2.65
N THR D 183 14.96 13.74 2.47
CA THR D 183 13.82 13.11 3.13
C THR D 183 12.87 12.39 2.22
N SER D 184 12.84 12.76 0.95
CA SER D 184 12.00 12.06 0.00
C SER D 184 12.42 12.35 -1.43
N ALA D 185 11.89 11.54 -2.34
CA ALA D 185 12.16 11.73 -3.76
C ALA D 185 10.92 11.29 -4.53
N THR D 186 10.62 11.96 -5.64
CA THR D 186 9.47 11.56 -6.43
C THR D 186 9.95 11.25 -7.83
N VAL D 187 9.70 10.01 -8.27
CA VAL D 187 10.13 9.57 -9.58
C VAL D 187 9.06 9.94 -10.58
N GLY D 188 9.47 10.63 -11.64
CA GLY D 188 8.50 11.06 -12.62
C GLY D 188 8.13 10.01 -13.65
N ARG D 189 7.00 10.24 -14.32
CA ARG D 189 6.62 9.39 -15.44
C ARG D 189 6.82 10.27 -16.71
N VAL D 190 6.97 9.64 -17.86
CA VAL D 190 7.21 10.39 -19.10
C VAL D 190 5.95 11.10 -19.57
N ILE D 191 6.06 12.38 -19.88
CA ILE D 191 4.89 13.14 -20.35
C ILE D 191 5.26 13.71 -21.71
N ASP D 192 4.31 13.62 -22.65
CA ASP D 192 4.56 14.12 -24.00
C ASP D 192 3.28 14.68 -24.58
N LEU D 193 3.22 16.01 -24.69
CA LEU D 193 2.02 16.64 -25.21
C LEU D 193 2.10 17.04 -26.68
N GLY D 194 3.15 16.57 -27.35
CA GLY D 194 3.25 16.75 -28.80
C GLY D 194 4.14 17.83 -29.33
N ILE D 195 5.04 18.33 -28.49
CA ILE D 195 5.96 19.38 -28.92
C ILE D 195 7.15 18.78 -29.66
N THR D 196 7.30 19.15 -30.92
CA THR D 196 8.39 18.67 -31.74
C THR D 196 9.57 19.63 -31.79
N ASP D 197 9.29 20.93 -31.75
CA ASP D 197 10.32 21.98 -31.85
C ASP D 197 11.37 21.88 -30.76
N SER D 198 12.57 21.47 -31.18
CA SER D 198 13.69 21.24 -30.27
C SER D 198 14.09 22.39 -29.37
N GLN D 199 13.61 23.61 -29.67
CA GLN D 199 13.94 24.74 -28.82
C GLN D 199 12.74 25.32 -28.10
N ASP D 200 11.58 24.72 -28.34
CA ASP D 200 10.39 25.04 -27.56
C ASP D 200 10.48 24.01 -26.40
N GLY D 202 11.49 24.33 -23.38
CA GLY D 202 10.92 24.83 -22.14
C GLY D 202 9.43 24.47 -22.02
N SER D 203 8.70 24.55 -23.13
CA SER D 203 7.27 24.23 -23.12
C SER D 203 6.97 22.73 -23.20
N ALA D 204 7.92 21.96 -23.73
CA ALA D 204 7.73 20.52 -23.78
C ALA D 204 7.94 19.94 -22.37
N ALA D 206 7.58 21.64 -19.26
CA ALA D 206 6.72 22.13 -18.18
C ALA D 206 5.67 21.10 -17.72
N PRO D 207 4.96 20.46 -18.65
CA PRO D 207 3.94 19.46 -18.31
C PRO D 207 4.54 18.34 -17.43
N ALA D 208 5.77 17.92 -17.74
CA ALA D 208 6.42 16.86 -16.97
C ALA D 208 6.75 17.36 -15.56
N ALA D 209 7.27 18.58 -15.48
CA ALA D 209 7.58 19.18 -14.19
C ALA D 209 6.30 19.36 -13.35
N ALA D 210 5.22 19.80 -14.00
CA ALA D 210 3.95 19.99 -13.30
C ALA D 210 3.39 18.68 -12.76
N ASP D 211 3.47 17.63 -13.56
CA ASP D 211 2.96 16.33 -13.17
C ASP D 211 3.67 15.83 -11.92
N THR D 212 4.99 15.91 -11.93
CA THR D 212 5.81 15.46 -10.82
C THR D 212 5.60 16.29 -9.55
N ILE D 213 5.52 17.61 -9.68
CA ILE D 213 5.30 18.43 -8.49
C ILE D 213 3.92 18.16 -7.90
N LYS D 214 2.91 18.08 -8.76
CA LYS D 214 1.57 17.78 -8.32
C LYS D 214 1.50 16.42 -7.62
N GLN D 215 2.12 15.40 -8.21
CA GLN D 215 2.08 14.07 -7.62
C GLN D 215 2.85 14.04 -6.33
N HIS D 216 4.00 14.71 -6.29
CA HIS D 216 4.80 14.75 -5.08
C HIS D 216 3.99 15.36 -3.93
N LEU D 217 3.34 16.50 -4.18
CA LEU D 217 2.53 17.17 -3.17
C LEU D 217 1.36 16.29 -2.73
N GLU D 218 0.66 15.72 -3.71
CA GLU D 218 -0.45 14.83 -3.43
C GLU D 218 -0.02 13.59 -2.62
N ASP D 219 1.06 12.94 -3.04
CA ASP D 219 1.55 11.76 -2.31
C ASP D 219 1.82 12.01 -0.83
N LEU D 220 2.42 13.16 -0.52
CA LEU D 220 2.81 13.48 0.86
C LEU D 220 1.77 14.27 1.62
N GLY D 221 0.64 14.56 0.96
CA GLY D 221 -0.39 15.38 1.59
C GLY D 221 0.16 16.75 1.96
N ARG D 222 0.87 17.38 1.03
CA ARG D 222 1.48 18.68 1.27
C ARG D 222 1.04 19.72 0.28
N THR D 223 1.38 20.97 0.56
CA THR D 223 1.13 22.06 -0.35
C THR D 223 2.41 22.89 -0.41
N PRO D 224 2.48 23.87 -1.32
CA PRO D 224 3.69 24.70 -1.42
C PRO D 224 4.04 25.39 -0.09
N ASP D 225 3.04 25.56 0.78
CA ASP D 225 3.26 26.21 2.06
C ASP D 225 4.23 25.40 2.93
N ASP D 226 4.35 24.10 2.64
CA ASP D 226 5.28 23.26 3.39
C ASP D 226 6.72 23.36 2.91
N TYR D 227 6.96 24.13 1.84
CA TYR D 227 8.30 24.27 1.30
C TYR D 227 8.74 25.73 1.33
N ASP D 228 10.03 25.94 1.57
CA ASP D 228 10.63 27.26 1.56
C ASP D 228 10.94 27.65 0.11
N LEU D 229 11.15 26.64 -0.73
CA LEU D 229 11.44 26.89 -2.12
C LEU D 229 11.11 25.68 -2.98
N ILE D 230 10.47 25.93 -4.12
CA ILE D 230 10.24 24.85 -5.10
C ILE D 230 11.08 25.23 -6.33
N LEU D 231 12.15 24.49 -6.53
CA LEU D 231 13.11 24.81 -7.57
C LEU D 231 13.13 23.86 -8.74
N THR D 232 12.85 24.38 -9.93
CA THR D 232 12.91 23.54 -11.13
C THR D 232 14.29 23.71 -11.76
N GLY D 233 14.71 22.66 -12.46
CA GLY D 233 16.03 22.65 -13.00
C GLY D 233 16.31 23.51 -14.20
N ASP D 234 15.61 23.22 -15.30
CA ASP D 234 15.93 23.89 -16.55
C ASP D 234 14.77 24.38 -17.41
N LEU D 235 13.71 24.83 -16.76
CA LEU D 235 12.57 25.35 -17.50
C LEU D 235 12.90 26.75 -18.05
N SER D 236 13.76 27.48 -17.34
CA SER D 236 14.20 28.81 -17.74
C SER D 236 13.07 29.80 -17.97
N GLY D 237 13.35 30.81 -18.79
CA GLY D 237 12.41 31.89 -19.00
C GLY D 237 11.04 31.56 -19.52
N VAL D 238 11.01 30.72 -20.55
CA VAL D 238 9.76 30.37 -21.21
C VAL D 238 8.95 29.33 -20.46
N GLY D 239 9.64 28.31 -19.97
CA GLY D 239 8.98 27.22 -19.27
C GLY D 239 8.38 27.54 -17.91
N SER D 240 9.01 28.42 -17.14
CA SER D 240 8.53 28.72 -15.78
C SER D 240 7.11 29.27 -15.72
N PRO D 241 6.78 30.27 -16.54
CA PRO D 241 5.41 30.81 -16.51
C PRO D 241 4.42 29.67 -16.85
N ILE D 242 4.77 28.84 -17.84
CA ILE D 242 3.87 27.75 -18.22
C ILE D 242 3.67 26.79 -17.06
N LEU D 243 4.75 26.46 -16.34
CA LEU D 243 4.66 25.54 -15.22
C LEU D 243 3.70 26.04 -14.15
N LYS D 244 3.85 27.31 -13.78
CA LYS D 244 2.96 27.92 -12.78
C LYS D 244 1.51 27.90 -13.27
N ASP D 245 1.30 28.19 -14.55
CA ASP D 245 -0.04 28.16 -15.11
C ASP D 245 -0.63 26.77 -15.00
N LEU D 246 0.17 25.75 -15.30
CA LEU D 246 -0.32 24.38 -15.25
C LEU D 246 -0.64 23.95 -13.82
N LEU D 247 0.21 24.32 -12.86
CA LEU D 247 -0.04 23.92 -11.48
C LEU D 247 -1.33 24.56 -10.98
N LYS D 248 -1.55 25.80 -11.38
CA LYS D 248 -2.76 26.54 -11.02
C LYS D 248 -3.99 25.83 -11.58
N GLU D 249 -3.90 25.32 -12.81
CA GLU D 249 -5.01 24.60 -13.42
C GLU D 249 -5.36 23.35 -12.61
N GLU D 250 -4.43 22.94 -11.74
CA GLU D 250 -4.64 21.79 -10.89
C GLU D 250 -4.94 22.27 -9.46
N GLY D 251 -5.10 23.58 -9.32
CA GLY D 251 -5.42 24.14 -8.02
C GLY D 251 -4.22 24.23 -7.10
N ILE D 252 -3.01 24.19 -7.68
CA ILE D 252 -1.78 24.32 -6.90
C ILE D 252 -1.14 25.68 -7.16
N ASN D 253 -1.08 26.50 -6.12
CA ASN D 253 -0.53 27.85 -6.22
C ASN D 253 0.83 27.97 -5.56
N VAL D 254 1.90 27.91 -6.37
CA VAL D 254 3.25 28.02 -5.82
C VAL D 254 3.60 29.46 -5.52
N GLY D 255 2.97 30.38 -6.26
CA GLY D 255 3.20 31.81 -6.05
C GLY D 255 4.66 32.17 -6.23
N THR D 256 5.21 32.88 -5.25
CA THR D 256 6.59 33.32 -5.31
C THR D 256 7.57 32.26 -4.79
N LYS D 257 7.04 31.10 -4.45
CA LYS D 257 7.85 29.98 -3.95
C LYS D 257 8.67 29.31 -5.06
N HIS D 258 8.27 29.53 -6.31
CA HIS D 258 8.99 28.93 -7.40
C HIS D 258 10.17 29.72 -7.95
N ASN D 259 11.26 29.01 -8.20
CA ASN D 259 12.35 29.60 -8.97
C ASN D 259 12.93 28.49 -9.87
N ASP D 260 13.73 28.87 -10.85
CA ASP D 260 14.31 27.89 -11.76
C ASP D 260 15.81 28.14 -11.87
N CYS D 261 16.59 27.06 -11.78
CA CYS D 261 18.05 27.16 -11.84
C CYS D 261 18.51 27.89 -13.10
N GLY D 262 17.75 27.71 -14.17
CA GLY D 262 18.08 28.32 -15.45
C GLY D 262 18.02 29.82 -15.45
N LEU D 263 17.42 30.39 -14.41
CA LEU D 263 17.30 31.84 -14.29
C LEU D 263 18.32 32.40 -13.29
N ILE D 265 21.79 31.13 -12.98
CA ILE D 265 23.20 30.91 -13.26
C ILE D 265 23.90 31.93 -14.12
N TYR D 266 23.19 32.48 -15.10
CA TYR D 266 23.81 33.47 -15.97
C TYR D 266 23.25 34.87 -15.72
N SER D 277 16.23 27.10 -21.89
CA SER D 277 15.86 25.85 -21.25
C SER D 277 16.56 24.62 -21.85
N GLY D 278 16.54 23.50 -21.13
CA GLY D 278 17.23 22.28 -21.57
C GLY D 278 18.70 22.55 -21.27
N CYS D 279 18.85 23.57 -20.45
CA CYS D 279 20.09 24.18 -19.99
C CYS D 279 21.10 23.29 -19.26
N ALA D 280 20.60 22.33 -18.49
CA ALA D 280 21.42 21.38 -17.72
C ALA D 280 22.15 22.00 -16.53
N CYS D 281 21.57 23.03 -15.92
CA CYS D 281 22.22 23.72 -14.82
C CYS D 281 21.71 23.28 -13.46
N SER D 282 20.83 22.29 -13.46
CA SER D 282 20.21 21.85 -12.22
C SER D 282 21.15 21.42 -11.11
N ALA D 283 22.12 20.58 -11.45
CA ALA D 283 23.00 20.05 -10.43
C ALA D 283 23.96 21.09 -9.91
N VAL D 284 24.63 21.81 -10.81
CA VAL D 284 25.60 22.77 -10.33
C VAL D 284 24.97 23.91 -9.52
N VAL D 285 23.79 24.37 -9.90
CA VAL D 285 23.16 25.44 -9.13
C VAL D 285 22.69 24.90 -7.78
N THR D 286 22.05 23.75 -7.78
CA THR D 286 21.59 23.15 -6.53
C THR D 286 22.77 22.90 -5.57
N PHE D 287 23.84 22.30 -6.07
CA PHE D 287 24.97 21.97 -5.23
C PHE D 287 25.75 23.19 -4.75
N ALA D 288 26.07 24.10 -5.67
CA ALA D 288 26.89 25.25 -5.32
C ALA D 288 26.17 26.36 -4.56
N HIS D 289 24.90 26.55 -4.89
CA HIS D 289 24.13 27.64 -4.33
C HIS D 289 23.07 27.22 -3.32
N ILE D 290 22.10 26.44 -3.77
CA ILE D 290 21.03 26.00 -2.89
C ILE D 290 21.48 25.28 -1.62
N PHE D 291 22.49 24.42 -1.74
CA PHE D 291 23.00 23.68 -0.58
C PHE D 291 23.63 24.62 0.43
N LYS D 292 24.31 25.66 -0.07
CA LYS D 292 24.90 26.64 0.82
C LYS D 292 23.77 27.38 1.56
N GLU D 293 22.69 27.71 0.86
CA GLU D 293 21.56 28.41 1.48
C GLU D 293 20.94 27.56 2.59
N ILE D 294 20.75 26.26 2.33
CA ILE D 294 20.20 25.38 3.36
C ILE D 294 21.14 25.26 4.57
N GLU D 295 22.43 25.03 4.34
CA GLU D 295 23.34 24.91 5.48
C GLU D 295 23.45 26.19 6.29
N ALA D 296 23.29 27.34 5.63
CA ALA D 296 23.38 28.62 6.28
C ALA D 296 22.13 28.96 7.11
N GLY D 297 21.06 28.18 6.91
CA GLY D 297 19.83 28.41 7.65
C GLY D 297 18.82 29.30 6.94
N ARG D 298 19.18 29.77 5.75
CA ARG D 298 18.30 30.65 4.98
C ARG D 298 17.15 29.90 4.26
N LEU D 299 17.32 28.60 4.09
CA LEU D 299 16.26 27.74 3.53
C LEU D 299 16.22 26.45 4.35
N ASN D 300 15.03 26.02 4.75
CA ASN D 300 14.91 24.81 5.58
C ASN D 300 14.44 23.56 4.87
N ARG D 301 13.51 23.72 3.93
CA ARG D 301 13.04 22.59 3.13
C ARG D 301 12.87 23.03 1.67
N VAL D 302 13.53 22.33 0.77
CA VAL D 302 13.48 22.67 -0.64
C VAL D 302 13.19 21.48 -1.53
N LEU D 303 12.20 21.62 -2.41
CA LEU D 303 11.91 20.57 -3.38
C LEU D 303 12.63 20.97 -4.67
N VAL D 304 13.54 20.11 -5.13
CA VAL D 304 14.27 20.36 -6.36
C VAL D 304 13.77 19.37 -7.41
N VAL D 305 13.32 19.90 -8.54
CA VAL D 305 12.77 19.06 -9.59
C VAL D 305 13.54 19.31 -10.85
N ALA D 306 14.31 18.31 -11.28
CA ALA D 306 15.10 18.39 -12.50
C ALA D 306 14.26 17.86 -13.66
N THR D 307 14.18 18.64 -14.73
CA THR D 307 13.34 18.25 -15.87
C THR D 307 14.21 17.98 -17.08
N GLY D 308 13.89 16.90 -17.78
CA GLY D 308 14.68 16.54 -18.93
C GLY D 308 13.87 16.28 -20.18
N ALA D 309 14.42 16.71 -21.31
CA ALA D 309 13.81 16.41 -22.60
C ALA D 309 14.55 15.12 -22.99
N LEU D 310 13.80 14.03 -23.21
CA LEU D 310 14.42 12.75 -23.58
C LEU D 310 14.55 12.68 -25.09
N LEU D 311 15.72 13.04 -25.60
CA LEU D 311 15.92 13.05 -27.04
C LEU D 311 17.29 12.60 -27.51
N SER D 312 17.42 12.54 -28.84
CA SER D 312 18.64 12.10 -29.51
C SER D 312 18.47 12.54 -30.94
N PRO D 313 19.57 12.61 -31.70
CA PRO D 313 19.43 13.05 -33.09
C PRO D 313 18.37 12.30 -33.86
N THR D 314 18.24 11.00 -33.60
CA THR D 314 17.22 10.20 -34.27
C THR D 314 15.84 10.84 -34.07
N ILE D 315 15.55 11.26 -32.84
CA ILE D 315 14.27 11.89 -32.52
C ILE D 315 14.03 13.18 -33.30
N ILE D 316 14.95 14.13 -33.16
CA ILE D 316 14.86 15.42 -33.84
C ILE D 316 14.81 15.19 -35.34
N GLN D 317 15.74 14.38 -35.83
CA GLN D 317 15.84 14.06 -37.25
C GLN D 317 14.49 13.69 -37.87
N GLN D 318 13.72 12.85 -37.19
CA GLN D 318 12.42 12.43 -37.71
C GLN D 318 11.26 13.30 -37.25
N LYS D 319 11.60 14.43 -36.63
CA LYS D 319 10.60 15.38 -36.18
C LYS D 319 9.53 14.72 -35.32
N GLU D 320 9.96 13.81 -34.44
CA GLU D 320 9.01 13.16 -33.56
C GLU D 320 8.77 14.07 -32.37
N SER D 321 7.65 13.88 -31.68
CA SER D 321 7.35 14.64 -30.48
C SER D 321 8.46 14.31 -29.45
N ILE D 322 8.69 15.25 -28.54
CA ILE D 322 9.76 15.10 -27.56
C ILE D 322 9.26 14.70 -26.18
N PRO D 323 9.54 13.47 -25.76
CA PRO D 323 9.10 13.02 -24.44
C PRO D 323 9.91 13.73 -23.36
N CYS D 324 9.28 14.08 -22.24
CA CYS D 324 9.97 14.73 -21.15
C CYS D 324 9.64 14.05 -19.83
N ILE D 325 10.52 14.22 -18.85
CA ILE D 325 10.35 13.59 -17.56
C ILE D 325 10.96 14.49 -16.50
N ALA D 326 10.36 14.49 -15.31
CA ALA D 326 10.89 15.28 -14.19
C ALA D 326 10.98 14.44 -12.92
N HIS D 327 12.12 14.50 -12.24
CA HIS D 327 12.30 13.77 -11.00
C HIS D 327 12.59 14.79 -9.89
N GLY D 328 12.04 14.55 -8.71
CA GLY D 328 12.24 15.48 -7.62
C GLY D 328 12.86 14.88 -6.36
N VAL D 329 13.60 15.70 -5.64
CA VAL D 329 14.19 15.28 -4.37
C VAL D 329 14.00 16.42 -3.36
N VAL D 330 13.64 16.05 -2.13
CA VAL D 330 13.50 17.04 -1.07
C VAL D 330 14.74 17.05 -0.18
N PHE D 331 15.36 18.23 -0.11
CA PHE D 331 16.53 18.48 0.73
C PHE D 331 16.12 19.38 1.91
N GLU D 332 16.59 19.05 3.11
CA GLU D 332 16.26 19.82 4.29
C GLU D 332 17.47 20.06 5.17
N ARG D 333 17.45 21.15 5.93
CA ARG D 333 18.55 21.44 6.81
C ARG D 333 18.55 20.41 7.95
N ALA D 334 19.71 19.82 8.21
CA ALA D 334 19.82 18.86 9.31
C ALA D 334 19.78 19.63 10.65
#